data_4ITX
#
_entry.id   4ITX
#
_cell.length_a   59.970
_cell.length_b   153.126
_cell.length_c   150.835
_cell.angle_alpha   90.00
_cell.angle_beta   90.00
_cell.angle_gamma   90.00
#
_symmetry.space_group_name_H-M   'C 2 2 21'
#
loop_
_entity.id
_entity.type
_entity.pdbx_description
1 polymer 'Cystathionine beta-lyase MetC'
2 non-polymer '{1-[(3-HYDROXY-METHYL-5-PHOSPHONOOXY-METHYL-PYRIDIN-4-YLMETHYL)-AMINO]-ETHYL}-PHOSPHONIC ACID'
3 non-polymer 'CALCIUM ION'
4 water water
#
_entity_poly.entity_id   1
_entity_poly.type   'polypeptide(L)'
_entity_poly.pdbx_seq_one_letter_code
;MADKKLDTQLVNAGRSKKYTLGAVNSVIQRASSLVFDSVEAKKHATRNRANGELFYGRRGTLTHFSLQQAMCELEGGAGC
VLFPCGAAAVANSILAFIEQGDHVLMTNTAYESSQDFCSKILSKLGVTTSWFDPLIGADIVKHLQPNTKIVFLESPGSIT
MEVHDVPAIVAAVRSVVPDAIIMIDNTWAAGVLFKALDFGIDVSIQAATKYLVGHSDAMIGTAVCNARCWEQLRENAYLM
GQMVDADTAYITSRGLRTLGVRLRQHHESSLKVAEWLAEHPQVARVNHPALPGSKGHEFWKRDFTGSSGLFSFVLKKKLN
NEELANYLDNFSLFSMAYSWGGYESLILANQPEHIAAIRPQGEIDFSGTLIRLHIGLEDVDDLIADLDAGFARIV
;
_entity_poly.pdbx_strand_id   A,B
#
# COMPACT_ATOMS: atom_id res chain seq x y z
N LYS A 5 -1.45 11.18 30.91
CA LYS A 5 -0.11 10.50 30.83
C LYS A 5 0.22 10.28 29.30
N LEU A 6 1.38 10.75 28.82
CA LEU A 6 1.71 10.76 27.41
C LEU A 6 1.53 9.36 26.79
N ASP A 7 2.00 8.30 27.42
CA ASP A 7 1.91 6.98 26.82
C ASP A 7 0.50 6.53 26.53
N THR A 8 -0.42 6.78 27.43
CA THR A 8 -1.81 6.39 27.31
C THR A 8 -2.48 7.27 26.26
N GLN A 9 -2.06 8.54 26.22
CA GLN A 9 -2.58 9.47 25.27
C GLN A 9 -2.17 9.01 23.87
N LEU A 10 -0.91 8.67 23.68
CA LEU A 10 -0.44 8.24 22.39
C LEU A 10 -1.21 7.01 21.88
N VAL A 11 -1.47 6.06 22.75
CA VAL A 11 -2.09 4.84 22.33
C VAL A 11 -3.54 5.13 21.92
N ASN A 12 -4.20 6.09 22.57
CA ASN A 12 -5.60 6.29 22.23
C ASN A 12 -5.96 7.48 21.34
N ALA A 13 -5.02 8.36 21.07
CA ALA A 13 -5.29 9.65 20.37
C ALA A 13 -5.96 9.36 19.02
N GLY A 14 -7.07 10.00 18.77
CA GLY A 14 -7.81 9.90 17.50
C GLY A 14 -8.65 8.65 17.31
N ARG A 15 -8.59 7.69 18.24
CA ARG A 15 -9.27 6.41 18.07
CA ARG A 15 -9.26 6.41 18.09
C ARG A 15 -10.67 6.44 18.64
N SER A 16 -11.46 7.34 18.11
CA SER A 16 -12.87 7.36 18.41
C SER A 16 -13.55 6.26 17.59
N LYS A 17 -14.65 5.71 18.12
CA LYS A 17 -15.32 4.61 17.44
C LYS A 17 -15.77 5.01 16.06
N LYS A 18 -16.20 6.26 15.88
CA LYS A 18 -16.60 6.77 14.55
C LYS A 18 -15.53 6.69 13.47
N TYR A 19 -14.28 6.59 13.90
CA TYR A 19 -13.14 6.41 12.98
C TYR A 19 -12.59 4.99 12.88
N THR A 20 -12.70 4.19 13.94
CA THR A 20 -12.14 2.84 13.91
C THR A 20 -13.16 1.78 13.49
N LEU A 21 -14.44 2.02 13.80
CA LEU A 21 -15.55 1.22 13.27
C LEU A 21 -15.41 -0.28 13.53
N GLY A 22 -14.98 -0.57 14.74
CA GLY A 22 -14.90 -1.93 15.24
C GLY A 22 -13.45 -2.44 15.28
N ALA A 23 -12.54 -1.78 14.59
CA ALA A 23 -11.08 -2.11 14.57
C ALA A 23 -10.31 -1.39 15.69
N VAL A 24 -9.06 -1.73 15.92
CA VAL A 24 -8.17 -0.99 16.81
C VAL A 24 -7.71 0.29 16.16
N ASN A 25 -7.32 0.22 14.91
CA ASN A 25 -6.81 1.38 14.21
C ASN A 25 -7.91 2.04 13.43
N SER A 26 -7.72 3.31 12.98
CA SER A 26 -8.72 3.95 12.13
C SER A 26 -8.85 3.20 10.83
N VAL A 27 -10.02 3.34 10.19
CA VAL A 27 -10.22 2.76 8.90
C VAL A 27 -9.33 3.55 7.91
N ILE A 28 -9.03 2.94 6.78
CA ILE A 28 -8.41 3.65 5.65
C ILE A 28 -9.55 3.85 4.63
N GLN A 29 -10.01 5.08 4.53
CA GLN A 29 -11.02 5.52 3.59
C GLN A 29 -10.32 6.31 2.49
N ARG A 30 -10.11 5.67 1.33
CA ARG A 30 -9.58 6.25 0.13
C ARG A 30 -10.77 6.84 -0.63
N ALA A 31 -10.69 8.13 -0.93
CA ALA A 31 -11.71 8.77 -1.73
C ALA A 31 -11.27 10.12 -2.25
N SER A 32 -11.78 10.45 -3.42
CA SER A 32 -11.95 11.84 -3.88
C SER A 32 -13.45 12.15 -3.66
N SER A 33 -14.23 11.68 -4.59
CA SER A 33 -15.67 11.76 -4.47
C SER A 33 -16.22 11.17 -3.14
N LEU A 34 -17.00 11.98 -2.46
CA LEU A 34 -17.77 11.54 -1.33
C LEU A 34 -19.28 11.78 -1.59
N VAL A 35 -20.09 10.75 -1.31
CA VAL A 35 -21.45 10.64 -1.78
C VAL A 35 -22.43 11.23 -0.79
N PHE A 36 -23.34 12.02 -1.31
CA PHE A 36 -24.42 12.62 -0.52
C PHE A 36 -25.69 11.89 -0.79
N ASP A 37 -26.36 11.33 0.23
CA ASP A 37 -27.59 10.60 -0.06
C ASP A 37 -28.75 11.49 -0.51
N SER A 38 -28.67 12.78 -0.24
CA SER A 38 -29.80 13.66 -0.57
C SER A 38 -29.31 15.08 -0.65
N VAL A 39 -30.15 15.98 -1.18
CA VAL A 39 -29.89 17.40 -1.20
C VAL A 39 -29.65 17.92 0.22
N GLU A 40 -30.47 17.42 1.14
CA GLU A 40 -30.38 17.88 2.52
C GLU A 40 -29.06 17.43 3.12
N ALA A 41 -28.63 16.20 2.82
CA ALA A 41 -27.32 15.70 3.27
C ALA A 41 -26.16 16.51 2.70
N LYS A 42 -26.27 16.90 1.42
CA LYS A 42 -25.22 17.71 0.78
C LYS A 42 -25.18 19.04 1.48
N LYS A 43 -26.34 19.63 1.79
CA LYS A 43 -26.30 20.89 2.49
C LYS A 43 -25.67 20.76 3.86
N HIS A 44 -25.95 19.68 4.57
CA HIS A 44 -25.34 19.46 5.90
C HIS A 44 -23.81 19.33 5.76
N ALA A 45 -23.36 18.55 4.78
CA ALA A 45 -21.96 18.32 4.62
C ALA A 45 -21.29 19.62 4.20
N THR A 46 -21.98 20.41 3.38
CA THR A 46 -21.35 21.70 2.87
C THR A 46 -21.10 22.68 3.99
N ARG A 47 -22.05 22.83 4.86
CA ARG A 47 -21.94 23.69 6.03
C ARG A 47 -20.85 23.20 7.00
N ASN A 48 -20.59 21.90 7.06
CA ASN A 48 -19.64 21.29 7.93
C ASN A 48 -18.38 20.80 7.25
N ARG A 49 -18.13 21.30 6.06
CA ARG A 49 -17.03 20.75 5.24
C ARG A 49 -15.63 20.92 5.82
N ALA A 50 -15.49 21.92 6.66
CA ALA A 50 -14.26 22.14 7.43
C ALA A 50 -14.36 21.77 8.90
N ASN A 51 -15.40 20.97 9.27
CA ASN A 51 -15.85 20.63 10.65
C ASN A 51 -16.08 19.11 10.77
N GLY A 52 -15.29 18.35 10.02
CA GLY A 52 -15.20 16.93 10.25
C GLY A 52 -16.36 16.10 9.68
N GLU A 53 -17.10 16.67 8.73
CA GLU A 53 -18.16 15.88 8.00
C GLU A 53 -17.65 15.58 6.60
N LEU A 54 -17.94 14.37 6.13
CA LEU A 54 -17.49 13.97 4.85
C LEU A 54 -18.07 14.90 3.76
N PHE A 55 -17.17 15.45 2.92
CA PHE A 55 -17.58 16.44 1.91
C PHE A 55 -16.97 16.23 0.56
N TYR A 56 -15.63 16.21 0.57
CA TYR A 56 -14.84 15.97 -0.61
C TYR A 56 -13.43 15.52 -0.16
N GLY A 57 -12.80 14.61 -0.88
CA GLY A 57 -11.54 14.02 -0.44
C GLY A 57 -10.44 15.07 -0.20
N ARG A 58 -10.47 16.17 -0.89
CA ARG A 58 -9.43 17.24 -0.68
C ARG A 58 -9.52 17.82 0.77
N ARG A 59 -10.72 17.84 1.34
CA ARG A 59 -10.92 18.24 2.76
C ARG A 59 -10.63 17.15 3.72
N GLY A 60 -10.55 15.91 3.26
CA GLY A 60 -10.33 14.73 4.10
C GLY A 60 -11.41 13.70 4.11
N THR A 61 -11.02 12.51 4.52
CA THR A 61 -11.94 11.41 4.83
C THR A 61 -11.80 11.07 6.28
N LEU A 62 -12.47 10.02 6.71
CA LEU A 62 -12.44 9.64 8.09
C LEU A 62 -11.00 9.41 8.61
N THR A 63 -10.14 8.90 7.76
CA THR A 63 -8.77 8.62 8.14
C THR A 63 -8.06 9.90 8.52
N HIS A 64 -8.23 10.92 7.70
CA HIS A 64 -7.65 12.26 7.98
C HIS A 64 -8.22 12.86 9.27
N PHE A 65 -9.52 12.73 9.45
CA PHE A 65 -10.14 13.32 10.61
C PHE A 65 -9.59 12.73 11.87
N SER A 66 -9.37 11.42 11.83
CA SER A 66 -8.78 10.71 12.96
C SER A 66 -7.38 11.20 13.27
N LEU A 67 -6.53 11.38 12.28
CA LEU A 67 -5.17 11.86 12.54
C LEU A 67 -5.20 13.34 13.08
N GLN A 68 -6.14 14.15 12.53
CA GLN A 68 -6.31 15.54 12.93
C GLN A 68 -6.75 15.65 14.38
N GLN A 69 -7.63 14.76 14.79
CA GLN A 69 -8.06 14.78 16.19
C GLN A 69 -6.84 14.36 17.07
N ALA A 70 -6.11 13.34 16.66
CA ALA A 70 -4.97 12.87 17.46
C ALA A 70 -3.97 14.03 17.64
N MET A 71 -3.70 14.76 16.57
CA MET A 71 -2.59 15.78 16.58
C MET A 71 -3.07 16.98 17.44
N CYS A 72 -4.37 17.28 17.36
CA CYS A 72 -4.94 18.34 18.19
C CYS A 72 -4.85 17.93 19.67
N GLU A 73 -5.26 16.68 20.00
CA GLU A 73 -5.10 16.23 21.40
C GLU A 73 -3.65 16.25 21.85
N LEU A 74 -2.72 15.73 21.04
CA LEU A 74 -1.32 15.64 21.48
C LEU A 74 -0.63 16.98 21.68
N GLU A 75 -0.90 17.93 20.80
CA GLU A 75 -0.26 19.23 20.84
C GLU A 75 -1.13 20.31 21.40
N GLY A 76 -2.37 20.03 21.82
CA GLY A 76 -3.17 21.04 22.47
C GLY A 76 -3.71 22.11 21.58
N GLY A 77 -4.07 21.72 20.37
CA GLY A 77 -4.50 22.66 19.35
C GLY A 77 -5.98 22.64 19.07
N ALA A 78 -6.39 23.70 18.40
CA ALA A 78 -7.73 23.86 17.88
C ALA A 78 -7.95 23.15 16.56
N GLY A 79 -6.89 23.00 15.78
CA GLY A 79 -6.98 22.31 14.53
C GLY A 79 -5.63 21.88 14.06
N CYS A 80 -5.64 20.96 13.08
CA CYS A 80 -4.41 20.44 12.55
C CYS A 80 -4.51 20.45 11.04
N VAL A 81 -3.63 21.15 10.36
CA VAL A 81 -3.65 21.22 8.93
C VAL A 81 -2.61 20.29 8.40
N LEU A 82 -2.96 19.60 7.32
CA LEU A 82 -2.09 18.54 6.76
C LEU A 82 -1.51 18.88 5.40
N PHE A 83 -0.30 18.34 5.18
CA PHE A 83 0.50 18.63 4.03
C PHE A 83 1.28 17.43 3.53
N PRO A 84 1.79 17.51 2.24
CA PRO A 84 2.41 16.35 1.77
C PRO A 84 3.85 16.04 2.32
N CYS A 85 4.44 17.01 2.99
CA CYS A 85 5.67 16.84 3.69
C CYS A 85 5.96 18.01 4.59
N GLY A 86 7.02 17.94 5.37
CA GLY A 86 7.32 19.06 6.26
C GLY A 86 7.63 20.35 5.51
N ALA A 87 8.42 20.26 4.42
CA ALA A 87 8.77 21.48 3.70
C ALA A 87 7.51 22.20 3.17
N ALA A 88 6.47 21.44 2.79
CA ALA A 88 5.23 21.99 2.32
C ALA A 88 4.45 22.60 3.50
N ALA A 89 4.57 22.01 4.69
CA ALA A 89 3.95 22.57 5.89
C ALA A 89 4.54 23.90 6.27
N VAL A 90 5.88 23.99 6.17
CA VAL A 90 6.58 25.25 6.49
C VAL A 90 6.18 26.36 5.48
N ALA A 91 6.33 26.05 4.19
CA ALA A 91 6.12 27.03 3.16
C ALA A 91 4.70 27.52 3.14
N ASN A 92 3.75 26.59 3.21
CA ASN A 92 2.37 26.98 3.15
C ASN A 92 1.83 27.59 4.40
N SER A 93 2.42 27.29 5.56
CA SER A 93 2.00 27.92 6.80
C SER A 93 2.39 29.39 6.76
N ILE A 94 3.62 29.66 6.37
CA ILE A 94 4.08 31.03 6.24
C ILE A 94 3.29 31.78 5.17
N LEU A 95 3.11 31.17 4.01
CA LEU A 95 2.32 31.83 2.92
C LEU A 95 0.90 32.21 3.37
N ALA A 96 0.27 31.34 4.14
CA ALA A 96 -1.14 31.53 4.58
C ALA A 96 -1.33 32.83 5.36
N PHE A 97 -0.25 33.42 5.94
CA PHE A 97 -0.38 34.61 6.74
C PHE A 97 0.29 35.81 6.15
N ILE A 98 0.90 35.71 5.00
CA ILE A 98 1.62 36.86 4.49
C ILE A 98 0.88 37.60 3.38
N GLU A 99 1.34 38.83 3.18
CA GLU A 99 0.85 39.73 2.13
C GLU A 99 2.00 40.63 1.73
N GLN A 100 1.94 41.13 0.50
CA GLN A 100 2.89 42.11 0.00
CA GLN A 100 2.92 42.08 0.02
C GLN A 100 3.11 43.20 1.02
N GLY A 101 4.38 43.51 1.32
CA GLY A 101 4.78 44.54 2.25
C GLY A 101 5.03 44.08 3.70
N ASP A 102 4.79 42.80 3.95
CA ASP A 102 5.09 42.20 5.25
C ASP A 102 6.59 41.90 5.37
N HIS A 103 7.01 41.73 6.61
CA HIS A 103 8.31 41.25 7.03
C HIS A 103 8.14 39.94 7.81
N VAL A 104 9.03 39.02 7.50
CA VAL A 104 9.18 37.73 8.21
C VAL A 104 10.49 37.73 8.95
N LEU A 105 10.48 37.30 10.21
CA LEU A 105 11.70 37.27 11.06
C LEU A 105 11.94 35.83 11.43
N MET A 106 13.06 35.26 10.98
CA MET A 106 13.28 33.81 11.09
C MET A 106 14.59 33.47 11.76
N THR A 107 14.65 32.42 12.58
CA THR A 107 15.86 32.10 13.25
C THR A 107 16.92 31.73 12.13
N ASN A 108 18.20 32.10 12.27
CA ASN A 108 19.18 31.75 11.22
C ASN A 108 19.58 30.29 11.24
N THR A 109 19.09 29.53 12.25
CA THR A 109 19.25 28.12 12.30
C THR A 109 18.06 27.33 11.79
N ALA A 110 17.09 27.99 11.13
CA ALA A 110 16.03 27.26 10.48
C ALA A 110 16.54 26.29 9.43
N TYR A 111 15.80 25.21 9.24
CA TYR A 111 15.98 24.30 8.16
C TYR A 111 16.18 25.04 6.80
N GLU A 112 17.23 24.68 6.06
CA GLU A 112 17.61 25.40 4.88
C GLU A 112 16.51 25.66 3.88
N SER A 113 15.66 24.71 3.63
CA SER A 113 14.63 24.96 2.60
CA SER A 113 14.56 24.90 2.65
C SER A 113 13.58 25.97 3.13
N SER A 114 13.45 26.08 4.45
CA SER A 114 12.61 27.10 5.08
C SER A 114 13.23 28.48 4.80
N GLN A 115 14.55 28.56 4.94
CA GLN A 115 15.27 29.80 4.59
C GLN A 115 15.08 30.15 3.10
N ASP A 116 15.23 29.14 2.27
CA ASP A 116 15.20 29.29 0.82
C ASP A 116 13.80 29.64 0.33
N PHE A 117 12.76 29.05 0.92
CA PHE A 117 11.41 29.49 0.60
C PHE A 117 11.29 31.02 0.78
N CYS A 118 11.86 31.54 1.86
CA CYS A 118 11.71 32.96 2.14
C CYS A 118 12.55 33.78 1.18
N SER A 119 13.80 33.37 1.05
CA SER A 119 14.73 34.16 0.22
C SER A 119 14.43 34.14 -1.27
N LYS A 120 13.92 33.02 -1.76
CA LYS A 120 13.68 32.80 -3.18
C LYS A 120 12.26 32.92 -3.65
N ILE A 121 11.28 32.58 -2.81
CA ILE A 121 9.87 32.69 -3.18
C ILE A 121 9.22 33.94 -2.60
N LEU A 122 9.34 34.17 -1.30
CA LEU A 122 8.64 35.30 -0.68
C LEU A 122 9.19 36.63 -1.19
N SER A 123 10.46 36.70 -1.48
CA SER A 123 11.10 37.93 -1.92
C SER A 123 10.53 38.48 -3.22
N LYS A 124 10.09 37.61 -4.11
CA LYS A 124 9.45 38.04 -5.40
C LYS A 124 8.03 38.56 -5.20
N LEU A 125 7.45 38.30 -4.04
CA LEU A 125 6.07 38.61 -3.73
C LEU A 125 5.96 39.85 -2.81
N GLY A 126 7.06 40.58 -2.63
CA GLY A 126 7.02 41.82 -1.89
C GLY A 126 7.09 41.68 -0.38
N VAL A 127 7.59 40.51 0.03
CA VAL A 127 7.78 40.16 1.41
C VAL A 127 9.29 40.08 1.69
N THR A 128 9.77 40.72 2.75
CA THR A 128 11.20 40.73 3.02
C THR A 128 11.34 39.83 4.23
N THR A 129 12.49 39.23 4.34
CA THR A 129 12.84 38.39 5.45
C THR A 129 14.17 38.82 6.02
N SER A 130 14.25 38.74 7.34
CA SER A 130 15.55 38.82 7.99
C SER A 130 15.64 37.76 9.08
N TRP A 131 16.73 37.78 9.79
N TRP A 131 16.85 37.56 9.59
CA TRP A 131 17.17 36.62 10.54
CA TRP A 131 17.17 36.44 10.47
C TRP A 131 17.62 37.07 11.91
C TRP A 131 17.93 36.86 11.74
N PHE A 132 17.67 36.11 12.82
CA PHE A 132 18.25 36.32 14.12
C PHE A 132 19.01 35.11 14.67
N ASP A 133 19.91 35.44 15.61
CA ASP A 133 20.58 34.44 16.39
C ASP A 133 19.69 33.70 17.32
N PRO A 134 19.83 32.35 17.34
CA PRO A 134 18.86 31.56 18.08
C PRO A 134 18.82 31.80 19.63
N LEU A 135 19.93 32.32 20.13
CA LEU A 135 20.12 32.59 21.56
C LEU A 135 19.78 34.07 21.92
N ILE A 136 19.16 34.77 21.01
CA ILE A 136 18.88 36.20 21.24
C ILE A 136 17.91 36.45 22.39
N GLY A 137 17.01 35.51 22.70
CA GLY A 137 16.01 35.76 23.73
C GLY A 137 15.26 37.09 23.58
N ALA A 138 15.16 37.81 24.70
CA ALA A 138 14.37 39.03 24.77
C ALA A 138 14.93 40.11 23.92
N ASP A 139 16.22 40.03 23.53
CA ASP A 139 16.77 41.06 22.63
C ASP A 139 16.30 40.93 21.18
N ILE A 140 15.45 39.91 20.86
CA ILE A 140 14.79 39.90 19.53
C ILE A 140 14.05 41.16 19.21
N VAL A 141 13.70 41.99 20.22
CA VAL A 141 13.02 43.28 19.93
C VAL A 141 13.81 44.16 18.94
N LYS A 142 15.13 44.01 18.88
CA LYS A 142 15.88 44.87 17.97
C LYS A 142 15.62 44.53 16.50
N HIS A 143 15.08 43.33 16.25
CA HIS A 143 14.83 42.83 14.89
C HIS A 143 13.44 43.00 14.48
N LEU A 144 12.55 43.35 15.43
CA LEU A 144 11.10 43.54 15.14
C LEU A 144 10.88 44.86 14.37
N GLN A 145 10.01 44.80 13.35
CA GLN A 145 9.67 45.95 12.55
C GLN A 145 8.14 46.17 12.70
N PRO A 146 7.67 47.35 12.35
CA PRO A 146 6.24 47.60 12.49
C PRO A 146 5.44 46.67 11.55
N ASN A 147 6.09 46.21 10.48
CA ASN A 147 5.45 45.29 9.50
C ASN A 147 5.86 43.83 9.68
N THR A 148 6.51 43.50 10.78
CA THR A 148 6.71 42.09 11.13
C THR A 148 5.40 41.38 11.34
N LYS A 149 5.17 40.41 10.45
CA LYS A 149 3.96 39.58 10.46
C LYS A 149 4.14 38.17 10.99
N ILE A 150 5.34 37.63 10.75
CA ILE A 150 5.65 36.29 11.20
C ILE A 150 7.00 36.27 11.91
N VAL A 151 7.03 35.53 13.04
CA VAL A 151 8.24 35.26 13.78
C VAL A 151 8.33 33.74 13.79
N PHE A 152 9.34 33.24 13.09
CA PHE A 152 9.53 31.81 12.88
C PHE A 152 10.70 31.20 13.67
N LEU A 153 10.39 30.25 14.54
CA LEU A 153 11.30 29.69 15.50
C LEU A 153 11.60 28.25 15.05
N GLU A 154 12.79 27.72 15.41
CA GLU A 154 13.04 26.30 15.30
C GLU A 154 13.99 25.95 16.46
N SER A 155 13.51 25.10 17.35
CA SER A 155 14.23 24.81 18.58
C SER A 155 14.07 23.32 18.88
N PRO A 156 15.22 22.56 18.97
CA PRO A 156 16.58 23.00 18.68
C PRO A 156 16.72 23.37 17.22
N GLY A 157 17.73 24.11 16.90
CA GLY A 157 18.07 24.49 15.51
C GLY A 157 18.47 23.34 14.63
N SER A 158 18.25 23.50 13.34
CA SER A 158 18.76 22.57 12.36
C SER A 158 20.27 22.42 12.39
N ILE A 159 20.71 21.19 12.45
CA ILE A 159 22.12 20.74 12.30
C ILE A 159 22.98 21.09 13.54
N THR A 160 23.01 22.35 13.89
CA THR A 160 23.81 22.85 15.02
C THR A 160 23.10 22.80 16.43
N MET A 161 21.82 22.63 16.47
CA MET A 161 21.07 22.17 17.64
C MET A 161 20.81 23.22 18.77
N GLU A 162 20.96 24.51 18.45
CA GLU A 162 20.83 25.53 19.44
C GLU A 162 19.41 25.62 19.92
N VAL A 163 19.21 25.66 21.23
CA VAL A 163 17.85 25.76 21.82
C VAL A 163 17.46 27.20 22.15
N HIS A 164 16.31 27.65 21.66
CA HIS A 164 15.87 29.00 21.96
C HIS A 164 15.33 29.08 23.42
N ASP A 165 15.26 30.33 23.91
CA ASP A 165 14.48 30.73 25.11
C ASP A 165 13.11 31.16 24.63
N VAL A 166 12.24 30.18 24.38
CA VAL A 166 10.93 30.51 23.79
C VAL A 166 10.11 31.50 24.67
N PRO A 167 10.07 31.29 25.98
CA PRO A 167 9.34 32.21 26.80
C PRO A 167 9.79 33.68 26.61
N ALA A 168 11.09 33.91 26.52
CA ALA A 168 11.60 35.27 26.45
C ALA A 168 11.25 35.89 25.08
N ILE A 169 11.45 35.08 24.02
CA ILE A 169 11.08 35.50 22.65
C ILE A 169 9.63 35.82 22.52
N VAL A 170 8.77 34.92 22.97
CA VAL A 170 7.33 35.12 22.91
C VAL A 170 6.91 36.37 23.64
N ALA A 171 7.36 36.58 24.90
CA ALA A 171 7.02 37.83 25.58
C ALA A 171 7.50 39.10 24.88
N ALA A 172 8.68 39.06 24.28
CA ALA A 172 9.23 40.17 23.62
C ALA A 172 8.31 40.47 22.43
N VAL A 173 7.96 39.45 21.64
CA VAL A 173 7.25 39.65 20.39
C VAL A 173 5.85 40.16 20.71
N ARG A 174 5.15 39.57 21.71
CA ARG A 174 3.81 40.05 22.00
C ARG A 174 3.82 41.49 22.51
N SER A 175 4.92 41.92 23.13
CA SER A 175 5.00 43.28 23.65
C SER A 175 5.14 44.36 22.59
N VAL A 176 5.66 43.99 21.43
CA VAL A 176 5.98 44.93 20.35
C VAL A 176 5.03 44.73 19.17
N VAL A 177 4.78 43.50 18.74
CA VAL A 177 3.91 43.22 17.54
C VAL A 177 2.99 42.14 17.87
N PRO A 178 1.94 42.50 18.63
CA PRO A 178 1.03 41.48 19.14
C PRO A 178 0.25 40.85 18.01
N ASP A 179 0.13 41.51 16.86
CA ASP A 179 -0.53 40.88 15.74
C ASP A 179 0.31 39.79 15.02
N ALA A 180 1.60 39.68 15.35
CA ALA A 180 2.47 38.69 14.71
C ALA A 180 1.96 37.29 14.93
N ILE A 181 2.23 36.41 13.95
CA ILE A 181 1.94 35.01 14.05
C ILE A 181 3.27 34.40 14.41
N ILE A 182 3.31 33.71 15.55
CA ILE A 182 4.59 33.09 15.96
C ILE A 182 4.48 31.61 15.66
N MET A 183 5.43 31.08 14.86
CA MET A 183 5.37 29.70 14.41
C MET A 183 6.60 29.06 14.93
N ILE A 184 6.53 27.73 15.12
CA ILE A 184 7.77 27.01 15.36
C ILE A 184 7.84 25.73 14.53
N ASP A 185 9.02 25.39 14.01
CA ASP A 185 9.28 24.03 13.51
C ASP A 185 9.68 23.16 14.67
N ASN A 186 8.76 22.33 15.14
CA ASN A 186 8.83 21.53 16.36
C ASN A 186 9.08 20.05 16.09
N THR A 187 9.75 19.78 14.97
CA THR A 187 9.99 18.45 14.48
C THR A 187 10.90 17.63 15.40
N TRP A 188 11.95 18.26 15.90
CA TRP A 188 12.91 17.52 16.78
C TRP A 188 12.26 16.93 17.99
N ALA A 189 11.28 17.71 18.53
CA ALA A 189 10.61 17.32 19.73
C ALA A 189 9.39 16.43 19.45
N ALA A 190 9.16 16.16 18.18
CA ALA A 190 8.04 15.35 17.70
C ALA A 190 6.71 15.96 18.16
N GLY A 191 6.71 17.28 18.37
CA GLY A 191 5.53 18.00 18.95
C GLY A 191 5.18 17.69 20.41
N VAL A 192 5.68 16.61 20.95
CA VAL A 192 5.25 16.15 22.30
C VAL A 192 6.28 16.45 23.40
N LEU A 193 7.57 16.59 23.10
CA LEU A 193 8.61 16.88 24.10
C LEU A 193 8.72 18.38 24.40
N PHE A 194 8.10 19.22 23.60
CA PHE A 194 7.99 20.68 23.83
C PHE A 194 6.62 21.15 23.42
N LYS A 195 5.78 21.55 24.40
CA LYS A 195 4.38 21.82 24.11
C LYS A 195 4.29 23.25 23.65
N ALA A 196 4.68 23.52 22.40
CA ALA A 196 4.77 24.85 21.88
C ALA A 196 3.54 25.75 22.11
N LEU A 197 2.35 25.17 21.88
CA LEU A 197 1.12 25.98 22.00
C LEU A 197 0.89 26.50 23.42
N ASP A 198 1.36 25.75 24.42
CA ASP A 198 1.27 26.15 25.83
C ASP A 198 2.20 27.29 26.14
N PHE A 199 3.22 27.52 25.31
CA PHE A 199 4.17 28.62 25.48
C PHE A 199 3.81 29.85 24.70
N GLY A 200 2.64 29.88 24.07
CA GLY A 200 2.28 31.18 23.39
C GLY A 200 2.51 31.23 21.89
N ILE A 201 3.08 30.15 21.37
CA ILE A 201 3.25 30.00 19.94
C ILE A 201 1.87 29.70 19.36
N ASP A 202 1.65 30.28 18.19
CA ASP A 202 0.43 30.13 17.41
C ASP A 202 0.33 28.86 16.59
N VAL A 203 1.45 28.43 15.99
CA VAL A 203 1.42 27.31 15.12
C VAL A 203 2.64 26.42 15.32
N SER A 204 2.41 25.11 15.61
CA SER A 204 3.50 24.14 15.79
C SER A 204 3.54 23.23 14.55
N ILE A 205 4.61 23.38 13.80
CA ILE A 205 4.81 22.68 12.52
C ILE A 205 5.79 21.51 12.73
N GLN A 206 5.45 20.38 12.12
CA GLN A 206 6.28 19.21 11.99
C GLN A 206 6.42 18.64 10.68
N ALA A 207 7.67 18.25 10.35
CA ALA A 207 7.92 17.23 9.40
C ALA A 207 7.58 15.92 10.08
N ALA A 208 6.30 15.54 9.95
CA ALA A 208 5.76 14.31 10.52
C ALA A 208 6.44 13.08 9.90
N THR A 209 7.01 13.30 8.74
CA THR A 209 8.00 12.42 8.08
C THR A 209 8.99 11.82 9.06
N LYS A 210 9.37 12.56 10.11
CA LYS A 210 10.44 12.16 10.96
C LYS A 210 9.95 11.25 12.10
N TYR A 211 9.96 11.72 13.34
CA TYR A 211 9.59 10.87 14.43
C TYR A 211 8.15 10.41 14.52
N LEU A 212 7.19 11.13 13.93
CA LEU A 212 5.83 10.68 14.01
C LEU A 212 5.65 9.43 13.15
N VAL A 213 6.10 9.42 11.87
CA VAL A 213 6.11 8.18 11.06
C VAL A 213 7.03 7.16 11.66
N GLY A 214 8.26 7.61 12.02
CA GLY A 214 9.20 6.78 12.75
C GLY A 214 9.97 5.70 12.00
N HIS A 215 9.69 5.51 10.68
CA HIS A 215 10.27 4.39 9.99
C HIS A 215 10.89 4.75 8.66
N SER A 216 11.00 6.04 8.35
CA SER A 216 11.75 6.53 7.20
C SER A 216 11.03 6.17 5.89
N ASP A 217 9.75 5.82 5.91
N ASP A 217 9.71 5.92 5.92
CA ASP A 217 9.06 5.57 4.66
CA ASP A 217 8.98 5.41 4.75
C ASP A 217 8.23 6.77 4.20
C ASP A 217 7.70 6.16 4.29
N ALA A 218 7.32 7.16 5.02
CA ALA A 218 6.23 8.04 4.61
C ALA A 218 6.61 9.48 4.79
N MET A 219 6.04 10.36 3.97
CA MET A 219 6.31 11.81 4.05
C MET A 219 5.01 12.60 4.29
N ILE A 220 5.06 13.55 5.21
CA ILE A 220 3.84 14.25 5.65
C ILE A 220 4.31 15.43 6.45
N GLY A 221 3.62 16.56 6.31
CA GLY A 221 3.75 17.70 7.18
C GLY A 221 2.47 17.92 8.00
N THR A 222 2.64 18.41 9.21
CA THR A 222 1.54 18.88 10.08
C THR A 222 1.77 20.32 10.57
N ALA A 223 0.67 21.05 10.77
CA ALA A 223 0.65 22.31 11.42
C ALA A 223 -0.47 22.36 12.40
N VAL A 224 -0.13 22.24 13.69
CA VAL A 224 -1.19 22.36 14.77
C VAL A 224 -1.28 23.80 15.15
N CYS A 225 -2.50 24.32 15.12
CA CYS A 225 -2.87 25.75 15.29
C CYS A 225 -3.67 25.98 16.51
N ASN A 226 -3.43 27.10 17.18
CA ASN A 226 -4.38 27.61 18.18
C ASN A 226 -5.67 28.09 17.51
N ALA A 227 -6.64 28.45 18.36
CA ALA A 227 -7.94 28.88 17.84
C ALA A 227 -7.85 30.22 17.08
N ARG A 228 -6.96 31.12 17.48
CA ARG A 228 -6.76 32.39 16.77
C ARG A 228 -6.35 32.20 15.31
N CYS A 229 -5.55 31.18 15.03
CA CYS A 229 -4.88 31.08 13.69
C CYS A 229 -5.37 29.92 12.80
N TRP A 230 -6.11 28.96 13.38
CA TRP A 230 -6.54 27.78 12.67
C TRP A 230 -7.31 28.10 11.36
N GLU A 231 -8.35 28.89 11.42
CA GLU A 231 -9.16 29.15 10.22
C GLU A 231 -8.39 29.69 9.06
N GLN A 232 -7.52 30.69 9.31
CA GLN A 232 -6.83 31.29 8.21
C GLN A 232 -5.84 30.28 7.66
N LEU A 233 -5.13 29.54 8.51
CA LEU A 233 -4.15 28.56 7.98
C LEU A 233 -4.85 27.48 7.16
N ARG A 234 -5.89 26.98 7.74
CA ARG A 234 -6.67 25.91 7.09
C ARG A 234 -7.22 26.32 5.73
N GLU A 235 -7.94 27.45 5.67
CA GLU A 235 -8.55 27.90 4.41
C GLU A 235 -7.54 28.37 3.39
N ASN A 236 -6.43 29.04 3.79
CA ASN A 236 -5.44 29.41 2.80
C ASN A 236 -4.67 28.24 2.33
N ALA A 237 -4.38 27.28 3.20
CA ALA A 237 -3.68 26.12 2.68
C ALA A 237 -4.56 25.32 1.76
N TYR A 238 -5.87 25.34 2.03
CA TYR A 238 -6.84 24.62 1.18
C TYR A 238 -6.84 25.21 -0.22
N LEU A 239 -6.68 26.54 -0.30
CA LEU A 239 -6.68 27.24 -1.56
C LEU A 239 -5.42 26.91 -2.37
N MET A 240 -4.35 26.47 -1.69
CA MET A 240 -3.13 25.97 -2.38
C MET A 240 -3.20 24.45 -2.61
N GLY A 241 -4.35 23.85 -2.33
CA GLY A 241 -4.55 22.41 -2.57
C GLY A 241 -3.77 21.51 -1.65
N GLN A 242 -3.42 21.97 -0.43
CA GLN A 242 -2.63 21.14 0.46
C GLN A 242 -3.47 20.08 1.14
N MET A 243 -2.96 18.85 1.09
CA MET A 243 -3.57 17.71 1.76
C MET A 243 -2.45 16.61 1.74
N VAL A 244 -2.73 15.50 2.39
CA VAL A 244 -1.90 14.30 2.41
C VAL A 244 -2.83 13.17 2.10
N ASP A 245 -2.29 12.09 1.56
CA ASP A 245 -3.10 10.93 1.24
C ASP A 245 -3.55 10.13 2.43
N ALA A 246 -4.68 9.53 2.29
CA ALA A 246 -5.30 8.77 3.42
C ALA A 246 -4.39 7.74 4.02
N ASP A 247 -3.71 7.00 3.16
CA ASP A 247 -2.85 5.96 3.66
C ASP A 247 -1.70 6.48 4.52
N THR A 248 -1.08 7.56 4.05
CA THR A 248 -0.08 8.28 4.86
C THR A 248 -0.66 8.80 6.14
N ALA A 249 -1.83 9.38 6.11
CA ALA A 249 -2.47 9.74 7.37
C ALA A 249 -2.65 8.58 8.33
N TYR A 250 -3.05 7.43 7.81
CA TYR A 250 -3.16 6.19 8.63
C TYR A 250 -1.81 5.78 9.24
N ILE A 251 -0.77 5.77 8.40
CA ILE A 251 0.52 5.36 8.86
C ILE A 251 1.04 6.35 9.92
N THR A 252 0.72 7.60 9.77
CA THR A 252 1.17 8.61 10.79
C THR A 252 0.51 8.39 12.12
N SER A 253 -0.80 8.19 12.12
CA SER A 253 -1.57 7.80 13.33
C SER A 253 -0.89 6.58 13.95
N ARG A 254 -0.55 5.60 13.12
CA ARG A 254 0.04 4.38 13.58
C ARG A 254 1.42 4.57 14.20
N GLY A 255 2.19 5.50 13.69
CA GLY A 255 3.54 5.87 14.29
C GLY A 255 3.37 6.43 15.69
N LEU A 256 2.31 7.17 15.91
CA LEU A 256 2.07 7.77 17.20
C LEU A 256 2.07 6.72 18.32
N ARG A 257 1.59 5.52 17.99
CA ARG A 257 1.42 4.49 18.99
C ARG A 257 2.70 4.07 19.67
N THR A 258 3.80 4.09 18.93
CA THR A 258 5.04 3.65 19.49
C THR A 258 5.94 4.85 19.80
N LEU A 259 5.44 6.08 19.68
CA LEU A 259 6.30 7.26 19.74
C LEU A 259 7.01 7.35 21.10
N GLY A 260 6.27 7.04 22.15
CA GLY A 260 6.84 7.17 23.53
C GLY A 260 7.92 6.13 23.81
N VAL A 261 7.69 4.87 23.43
CA VAL A 261 8.74 3.87 23.57
C VAL A 261 9.96 4.20 22.68
N ARG A 262 9.75 4.64 21.43
CA ARG A 262 10.83 5.03 20.57
C ARG A 262 11.63 6.23 21.16
N LEU A 263 10.96 7.34 21.47
CA LEU A 263 11.60 8.60 21.94
C LEU A 263 12.37 8.30 23.23
N ARG A 264 11.90 7.41 24.11
CA ARG A 264 12.68 7.13 25.36
C ARG A 264 13.97 6.42 24.99
N GLN A 265 13.97 5.54 24.00
CA GLN A 265 15.20 4.87 23.62
C GLN A 265 16.14 5.85 22.91
N HIS A 266 15.62 6.58 21.91
CA HIS A 266 16.38 7.65 21.29
C HIS A 266 17.10 8.61 22.31
N HIS A 267 16.38 9.05 23.34
CA HIS A 267 16.95 9.90 24.38
C HIS A 267 18.09 9.15 25.08
N GLU A 268 17.84 7.96 25.57
CA GLU A 268 18.83 7.25 26.41
CA GLU A 268 18.80 7.25 26.41
C GLU A 268 20.08 6.94 25.61
N SER A 269 19.91 6.46 24.37
CA SER A 269 21.06 6.09 23.53
C SER A 269 21.81 7.35 23.13
N SER A 270 21.12 8.38 22.63
CA SER A 270 21.84 9.47 22.03
C SER A 270 22.59 10.27 23.11
N LEU A 271 22.00 10.38 24.30
CA LEU A 271 22.69 11.08 25.41
C LEU A 271 23.94 10.29 25.79
N LYS A 272 23.92 8.96 25.82
CA LYS A 272 25.08 8.23 26.18
C LYS A 272 26.20 8.34 25.10
N VAL A 273 25.79 8.38 23.82
CA VAL A 273 26.76 8.63 22.72
C VAL A 273 27.34 10.00 22.90
N ALA A 274 26.48 10.99 23.25
CA ALA A 274 26.90 12.41 23.35
C ALA A 274 27.95 12.58 24.50
N GLU A 275 27.68 11.89 25.55
CA GLU A 275 28.58 11.90 26.73
C GLU A 275 29.94 11.27 26.42
N TRP A 276 29.94 10.14 25.75
CA TRP A 276 31.14 9.46 25.27
C TRP A 276 31.91 10.33 24.30
N LEU A 277 31.29 10.83 23.22
CA LEU A 277 31.92 11.82 22.36
C LEU A 277 32.58 13.04 23.05
N ALA A 278 31.89 13.61 24.03
CA ALA A 278 32.30 14.85 24.72
C ALA A 278 33.65 14.63 25.41
N GLU A 279 33.92 13.35 25.72
CA GLU A 279 35.18 12.97 26.40
C GLU A 279 36.20 12.41 25.47
N HIS A 280 35.92 12.40 24.17
CA HIS A 280 36.82 11.72 23.20
C HIS A 280 37.93 12.65 22.71
N PRO A 281 39.19 12.17 22.67
CA PRO A 281 40.30 12.98 22.21
C PRO A 281 40.17 13.67 20.83
N GLN A 282 39.42 13.08 19.90
CA GLN A 282 39.27 13.60 18.58
C GLN A 282 38.04 14.53 18.36
N VAL A 283 37.29 14.83 19.42
CA VAL A 283 36.09 15.67 19.35
C VAL A 283 36.35 17.08 20.01
N ALA A 284 35.98 18.14 19.31
CA ALA A 284 36.05 19.51 19.82
C ALA A 284 34.86 19.92 20.66
N ARG A 285 33.67 19.57 20.14
CA ARG A 285 32.47 20.00 20.79
C ARG A 285 31.36 19.04 20.42
N VAL A 286 30.41 18.93 21.36
CA VAL A 286 29.22 18.12 21.14
C VAL A 286 28.01 19.06 21.35
N ASN A 287 27.13 19.08 20.33
CA ASN A 287 25.87 19.83 20.31
C ASN A 287 24.66 18.89 20.53
N HIS A 288 24.25 18.69 21.76
CA HIS A 288 23.14 17.84 22.03
C HIS A 288 22.36 18.64 23.08
N PRO A 289 21.10 18.94 22.83
CA PRO A 289 20.30 19.75 23.76
C PRO A 289 20.25 19.20 25.22
N ALA A 290 20.32 17.87 25.36
CA ALA A 290 20.24 17.20 26.67
C ALA A 290 21.58 17.22 27.41
N LEU A 291 22.63 17.51 26.70
CA LEU A 291 23.99 17.46 27.30
C LEU A 291 24.28 18.83 27.98
N PRO A 292 24.56 18.80 29.29
CA PRO A 292 25.04 20.04 29.90
C PRO A 292 26.20 20.76 29.12
N GLY A 293 26.06 22.10 29.00
CA GLY A 293 27.00 22.94 28.32
C GLY A 293 26.72 23.25 26.83
N SER A 294 25.81 22.46 26.24
CA SER A 294 25.41 22.68 24.87
C SER A 294 24.63 24.00 24.78
N LYS A 295 24.59 24.60 23.57
CA LYS A 295 23.99 25.88 23.44
C LYS A 295 22.46 25.83 23.71
N GLY A 296 22.09 26.61 24.65
CA GLY A 296 20.69 26.62 25.24
C GLY A 296 20.26 25.40 25.98
N HIS A 297 21.20 24.57 26.40
CA HIS A 297 20.84 23.43 27.32
C HIS A 297 19.89 23.82 28.45
N GLU A 298 20.13 24.97 29.09
CA GLU A 298 19.33 25.36 30.23
C GLU A 298 17.80 25.48 29.87
N PHE A 299 17.52 25.93 28.67
CA PHE A 299 16.17 26.10 28.16
C PHE A 299 15.53 24.75 27.81
N TRP A 300 16.31 23.84 27.27
CA TRP A 300 15.90 22.44 27.07
C TRP A 300 15.49 21.81 28.41
N LYS A 301 16.34 21.97 29.43
CA LYS A 301 16.08 21.36 30.70
C LYS A 301 14.82 21.97 31.36
N ARG A 302 14.59 23.27 31.18
CA ARG A 302 13.40 23.93 31.78
C ARG A 302 12.12 23.70 31.02
N ASP A 303 12.23 23.71 29.71
CA ASP A 303 11.02 23.76 28.83
C ASP A 303 10.62 22.45 28.14
N PHE A 304 11.46 21.43 28.09
CA PHE A 304 11.16 20.22 27.37
C PHE A 304 10.95 19.13 28.40
N THR A 305 10.26 18.07 27.99
CA THR A 305 10.05 16.91 28.84
C THR A 305 10.77 15.65 28.34
N GLY A 306 11.69 15.82 27.42
CA GLY A 306 12.56 14.73 26.98
C GLY A 306 13.36 15.19 25.80
N SER A 307 14.17 14.27 25.29
CA SER A 307 15.00 14.43 24.10
C SER A 307 14.58 13.38 23.05
N SER A 308 14.82 13.68 21.76
CA SER A 308 14.82 12.72 20.70
C SER A 308 16.30 12.31 20.48
N GLY A 309 16.69 11.79 19.32
CA GLY A 309 17.99 11.18 19.09
C GLY A 309 18.87 11.84 18.05
N LEU A 310 18.54 13.06 17.63
CA LEU A 310 19.32 13.77 16.60
C LEU A 310 20.19 14.77 17.30
N PHE A 311 21.50 14.76 16.97
CA PHE A 311 22.37 15.78 17.52
C PHE A 311 23.62 15.89 16.63
N SER A 312 24.56 16.74 16.97
CA SER A 312 25.79 16.83 16.13
C SER A 312 27.03 17.00 17.04
N PHE A 313 28.20 16.85 16.45
CA PHE A 313 29.44 17.10 17.18
C PHE A 313 30.41 17.63 16.15
N VAL A 314 31.42 18.33 16.62
CA VAL A 314 32.41 18.94 15.76
C VAL A 314 33.76 18.21 15.98
N LEU A 315 34.35 17.73 14.92
CA LEU A 315 35.64 17.05 14.99
C LEU A 315 36.74 18.10 15.26
N LYS A 316 37.82 17.69 15.91
CA LYS A 316 38.98 18.58 16.05
C LYS A 316 39.55 18.93 14.73
N LYS A 317 39.53 17.96 13.80
CA LYS A 317 40.00 18.15 12.43
C LYS A 317 38.93 18.69 11.49
N LYS A 318 39.35 19.59 10.58
CA LYS A 318 38.65 19.80 9.31
C LYS A 318 39.17 18.79 8.33
N LEU A 319 38.37 17.74 8.06
CA LEU A 319 38.76 16.67 7.25
C LEU A 319 38.87 17.12 5.82
N ASN A 320 39.88 16.61 5.12
CA ASN A 320 40.03 16.87 3.73
C ASN A 320 39.16 15.86 3.04
N ASN A 321 39.05 16.00 1.73
CA ASN A 321 38.16 15.10 0.94
C ASN A 321 38.53 13.58 1.10
N GLU A 322 39.82 13.25 1.12
CA GLU A 322 40.23 11.87 1.25
C GLU A 322 39.86 11.29 2.63
N GLU A 323 40.14 12.05 3.66
CA GLU A 323 39.74 11.70 5.08
C GLU A 323 38.21 11.59 5.23
N LEU A 324 37.50 12.50 4.59
CA LEU A 324 36.04 12.52 4.71
C LEU A 324 35.45 11.24 4.14
N ALA A 325 35.96 10.80 2.98
CA ALA A 325 35.61 9.53 2.37
C ALA A 325 36.03 8.34 3.27
N ASN A 326 37.28 8.31 3.72
CA ASN A 326 37.75 7.22 4.60
C ASN A 326 36.85 7.08 5.82
N TYR A 327 36.43 8.20 6.38
CA TYR A 327 35.51 8.22 7.52
C TYR A 327 34.13 7.65 7.19
N LEU A 328 33.45 8.34 6.28
CA LEU A 328 32.02 8.12 6.05
C LEU A 328 31.76 6.87 5.24
N ASP A 329 32.66 6.50 4.35
CA ASP A 329 32.44 5.36 3.46
C ASP A 329 32.55 3.98 4.12
N ASN A 330 33.13 3.90 5.30
CA ASN A 330 33.49 2.65 5.92
C ASN A 330 32.72 2.35 7.25
N PHE A 331 31.62 3.08 7.46
CA PHE A 331 30.71 2.80 8.58
C PHE A 331 29.90 1.53 8.36
N SER A 332 29.74 0.78 9.46
CA SER A 332 29.08 -0.51 9.45
C SER A 332 27.62 -0.43 9.78
N LEU A 333 27.29 0.49 10.65
CA LEU A 333 25.97 0.59 11.22
C LEU A 333 25.26 1.90 10.93
N PHE A 334 25.96 3.00 10.81
CA PHE A 334 25.39 4.31 10.48
C PHE A 334 25.31 4.33 8.97
N SER A 335 24.17 4.73 8.39
CA SER A 335 24.03 4.93 6.90
C SER A 335 24.12 6.41 6.56
N MET A 336 24.62 6.76 5.39
CA MET A 336 24.53 8.15 4.91
CA MET A 336 24.56 8.13 4.85
C MET A 336 23.20 8.38 4.18
N ALA A 337 22.43 9.36 4.67
CA ALA A 337 21.16 9.72 4.10
C ALA A 337 20.69 11.03 4.70
N TYR A 338 19.72 11.70 4.07
CA TYR A 338 19.07 12.85 4.57
C TYR A 338 17.88 12.34 5.40
N SER A 339 17.28 13.26 6.14
CA SER A 339 16.21 12.96 7.13
C SER A 339 16.74 12.13 8.34
N TRP A 340 15.80 11.69 9.16
CA TRP A 340 16.10 11.22 10.51
C TRP A 340 14.75 10.97 11.17
N GLY A 341 14.75 10.55 12.43
CA GLY A 341 13.53 10.11 13.06
C GLY A 341 13.15 8.68 13.00
N GLY A 342 13.91 7.84 12.27
CA GLY A 342 13.54 6.49 12.15
C GLY A 342 14.24 5.57 13.12
N TYR A 343 14.15 4.26 12.86
CA TYR A 343 14.77 3.22 13.64
C TYR A 343 16.27 3.06 13.30
N GLU A 344 16.71 3.51 12.13
CA GLU A 344 18.06 3.28 11.63
C GLU A 344 18.92 4.48 11.94
N SER A 345 20.12 4.26 12.43
CA SER A 345 21.03 5.37 12.67
C SER A 345 21.69 5.93 11.38
N LEU A 346 21.77 7.24 11.29
CA LEU A 346 22.28 7.93 10.12
C LEU A 346 23.36 8.91 10.49
N ILE A 347 24.17 9.23 9.48
CA ILE A 347 25.32 10.14 9.58
C ILE A 347 25.42 11.06 8.38
N LEU A 348 25.71 12.34 8.64
CA LEU A 348 25.87 13.36 7.60
C LEU A 348 27.03 14.28 8.01
N ALA A 349 27.82 14.75 7.07
CA ALA A 349 28.89 15.68 7.38
C ALA A 349 28.53 17.03 6.80
N ASN A 350 28.98 18.10 7.46
CA ASN A 350 28.96 19.47 6.90
C ASN A 350 30.25 20.16 7.27
N GLN A 351 30.91 20.67 6.24
CA GLN A 351 32.05 21.50 6.48
C GLN A 351 31.65 22.85 7.02
N PRO A 352 32.56 23.50 7.79
CA PRO A 352 32.26 24.83 8.39
C PRO A 352 31.72 25.82 7.33
N GLU A 353 32.30 25.69 6.12
CA GLU A 353 31.94 26.67 5.08
C GLU A 353 30.52 26.38 4.51
N HIS A 354 30.01 25.16 4.65
CA HIS A 354 28.66 24.78 4.26
C HIS A 354 27.65 25.42 5.21
N ILE A 355 27.99 25.39 6.49
CA ILE A 355 27.10 25.88 7.53
C ILE A 355 27.15 27.41 7.45
N ALA A 356 28.35 27.99 7.22
CA ALA A 356 28.48 29.46 7.06
C ALA A 356 27.53 29.97 5.95
N ALA A 357 27.34 29.21 4.90
CA ALA A 357 26.44 29.62 3.80
C ALA A 357 24.99 29.62 4.16
N ILE A 358 24.64 28.93 5.26
CA ILE A 358 23.22 28.85 5.69
C ILE A 358 22.96 29.42 7.08
N ARG A 359 23.75 30.41 7.48
CA ARG A 359 23.49 31.12 8.72
C ARG A 359 23.46 32.63 8.40
N PRO A 360 22.41 33.03 7.65
CA PRO A 360 22.35 34.43 7.35
C PRO A 360 22.33 35.37 8.61
N GLN A 361 23.16 36.41 8.49
N GLN A 361 23.06 36.50 8.54
CA GLN A 361 23.26 37.46 9.43
CA GLN A 361 23.22 37.48 9.63
C GLN A 361 23.69 36.89 10.78
C GLN A 361 24.06 37.02 10.79
N GLY A 362 24.45 35.77 10.73
CA GLY A 362 25.27 35.19 11.80
C GLY A 362 26.70 34.81 11.40
N GLU A 363 27.38 34.24 12.37
CA GLU A 363 28.75 33.90 12.26
C GLU A 363 28.90 32.47 12.88
N ILE A 364 29.62 31.57 12.19
CA ILE A 364 29.81 30.26 12.81
C ILE A 364 30.95 30.43 13.76
N ASP A 365 31.05 29.53 14.71
CA ASP A 365 32.14 29.63 15.70
C ASP A 365 32.86 28.30 15.90
N PHE A 366 32.82 27.44 14.90
CA PHE A 366 33.64 26.26 14.92
C PHE A 366 34.47 26.20 13.64
N SER A 367 35.52 25.37 13.67
CA SER A 367 36.42 25.21 12.52
C SER A 367 36.66 23.80 12.07
N GLY A 368 36.19 22.80 12.83
CA GLY A 368 36.32 21.42 12.38
C GLY A 368 35.12 20.95 11.61
N THR A 369 35.21 19.74 11.08
CA THR A 369 34.05 19.15 10.30
C THR A 369 32.95 18.84 11.31
N LEU A 370 31.72 19.19 10.99
CA LEU A 370 30.55 18.93 11.84
C LEU A 370 29.93 17.67 11.34
N ILE A 371 29.75 16.74 12.28
CA ILE A 371 29.11 15.50 12.01
C ILE A 371 27.72 15.48 12.70
N ARG A 372 26.64 15.29 11.95
CA ARG A 372 25.31 15.13 12.56
C ARG A 372 24.93 13.64 12.64
N LEU A 373 24.48 13.14 13.83
CA LEU A 373 24.08 11.79 13.93
C LEU A 373 22.61 11.69 14.25
N HIS A 374 21.93 10.75 13.60
CA HIS A 374 20.67 10.38 14.15
C HIS A 374 20.89 9.04 14.81
N ILE A 375 20.58 8.94 16.10
CA ILE A 375 20.73 7.71 16.86
C ILE A 375 19.42 6.96 16.87
N GLY A 376 19.42 5.82 16.19
CA GLY A 376 18.25 4.94 16.07
C GLY A 376 18.10 3.94 17.17
N LEU A 377 17.58 2.80 16.82
CA LEU A 377 17.12 1.82 17.81
C LEU A 377 18.08 0.66 17.96
N GLU A 378 19.25 0.73 17.30
CA GLU A 378 20.29 -0.30 17.43
C GLU A 378 20.89 -0.29 18.83
N ASP A 379 21.53 -1.36 19.22
CA ASP A 379 22.23 -1.34 20.49
C ASP A 379 23.25 -0.20 20.51
N VAL A 380 23.21 0.64 21.55
CA VAL A 380 24.01 1.83 21.64
C VAL A 380 25.49 1.55 21.73
N ASP A 381 25.80 0.43 22.42
CA ASP A 381 27.20 0.01 22.44
C ASP A 381 27.72 -0.45 21.08
N ASP A 382 26.91 -1.07 20.24
CA ASP A 382 27.30 -1.34 18.87
C ASP A 382 27.58 0.01 18.09
N LEU A 383 26.70 1.01 18.30
CA LEU A 383 26.83 2.30 17.61
C LEU A 383 28.16 2.99 18.03
N ILE A 384 28.46 2.94 19.32
CA ILE A 384 29.63 3.59 19.87
C ILE A 384 30.88 2.92 19.27
N ALA A 385 30.88 1.57 19.22
CA ALA A 385 31.91 0.78 18.53
C ALA A 385 32.12 1.20 17.10
N ASP A 386 31.03 1.41 16.38
CA ASP A 386 31.12 1.88 15.00
C ASP A 386 31.75 3.29 14.95
N LEU A 387 31.35 4.19 15.84
CA LEU A 387 31.91 5.55 15.89
C LEU A 387 33.43 5.50 16.20
N ASP A 388 33.78 4.70 17.20
CA ASP A 388 35.23 4.55 17.54
C ASP A 388 36.10 3.97 16.41
N ALA A 389 35.63 2.99 15.64
CA ALA A 389 36.34 2.55 14.43
C ALA A 389 36.46 3.71 13.45
N GLY A 390 35.40 4.55 13.36
CA GLY A 390 35.46 5.75 12.59
C GLY A 390 36.56 6.69 12.96
N PHE A 391 36.72 6.92 14.26
CA PHE A 391 37.79 7.81 14.74
C PHE A 391 39.21 7.22 14.36
N ALA A 392 39.34 5.92 14.41
CA ALA A 392 40.66 5.31 14.07
C ALA A 392 41.01 5.49 12.61
N ARG A 393 40.01 5.66 11.75
CA ARG A 393 40.26 5.87 10.36
C ARG A 393 40.79 7.26 10.06
N ILE A 394 40.64 8.21 10.98
CA ILE A 394 40.99 9.64 10.71
C ILE A 394 41.94 10.20 11.77
N VAL A 395 42.55 9.33 12.58
CA VAL A 395 43.45 9.85 13.59
C VAL A 395 44.75 10.33 12.83
N LYS B 4 -30.10 -8.42 -14.08
CA LYS B 4 -29.33 -7.11 -14.14
C LYS B 4 -28.30 -7.15 -15.30
N LYS B 5 -27.97 -6.00 -15.92
CA LYS B 5 -26.99 -5.98 -17.02
C LYS B 5 -25.58 -5.93 -16.44
N LEU B 6 -24.70 -6.72 -17.05
CA LEU B 6 -23.38 -6.99 -16.48
C LEU B 6 -22.65 -5.70 -16.08
N ASP B 7 -22.59 -4.76 -17.01
CA ASP B 7 -21.73 -3.58 -16.73
C ASP B 7 -22.24 -2.77 -15.55
N THR B 8 -23.53 -2.72 -15.40
CA THR B 8 -24.15 -1.96 -14.25
C THR B 8 -23.93 -2.74 -12.93
N GLN B 9 -24.17 -4.06 -13.01
CA GLN B 9 -23.85 -4.98 -11.96
C GLN B 9 -22.39 -4.83 -11.49
N LEU B 10 -21.43 -4.86 -12.42
CA LEU B 10 -20.02 -4.75 -12.07
C LEU B 10 -19.71 -3.48 -11.32
N VAL B 11 -20.20 -2.38 -11.82
CA VAL B 11 -20.02 -1.09 -11.13
C VAL B 11 -20.54 -1.09 -9.70
N ASN B 12 -21.67 -1.70 -9.48
CA ASN B 12 -22.31 -1.59 -8.19
C ASN B 12 -22.07 -2.73 -7.19
N ALA B 13 -21.57 -3.86 -7.66
CA ALA B 13 -21.45 -5.12 -6.88
C ALA B 13 -20.69 -4.88 -5.58
N GLY B 14 -21.33 -5.19 -4.45
CA GLY B 14 -20.66 -5.08 -3.14
C GLY B 14 -20.72 -3.69 -2.51
N ARG B 15 -21.12 -2.69 -3.27
CA ARG B 15 -21.08 -1.30 -2.79
C ARG B 15 -22.29 -0.89 -2.01
N SER B 16 -22.59 -1.59 -0.95
CA SER B 16 -23.67 -1.16 -0.03
C SER B 16 -23.09 -0.05 0.85
N LYS B 17 -23.94 0.86 1.29
CA LYS B 17 -23.52 1.91 2.21
C LYS B 17 -22.77 1.48 3.49
N LYS B 18 -23.14 0.33 4.05
CA LYS B 18 -22.43 -0.23 5.21
C LYS B 18 -20.95 -0.56 4.98
N TYR B 19 -20.57 -0.71 3.73
CA TYR B 19 -19.14 -1.00 3.29
C TYR B 19 -18.44 0.21 2.76
N THR B 20 -19.18 1.17 2.19
CA THR B 20 -18.54 2.30 1.53
C THR B 20 -18.46 3.53 2.47
N LEU B 21 -19.46 3.66 3.37
CA LEU B 21 -19.42 4.63 4.47
C LEU B 21 -19.13 6.09 3.95
N GLY B 22 -19.71 6.41 2.78
CA GLY B 22 -19.69 7.75 2.28
C GLY B 22 -18.79 7.84 1.03
N ALA B 23 -17.97 6.84 0.81
CA ALA B 23 -17.06 6.88 -0.37
C ALA B 23 -17.73 6.13 -1.49
N VAL B 24 -17.10 6.17 -2.64
CA VAL B 24 -17.50 5.30 -3.78
C VAL B 24 -17.07 3.85 -3.57
N ASN B 25 -15.77 3.61 -3.26
CA ASN B 25 -15.32 2.29 -3.02
C ASN B 25 -15.54 1.86 -1.59
N SER B 26 -15.46 0.57 -1.30
CA SER B 26 -15.48 0.14 0.08
C SER B 26 -14.31 0.75 0.88
N VAL B 27 -14.53 0.81 2.20
CA VAL B 27 -13.46 1.19 3.07
C VAL B 27 -12.38 0.05 3.04
N ILE B 28 -11.14 0.42 3.40
CA ILE B 28 -10.11 -0.55 3.73
CA ILE B 28 -10.09 -0.54 3.74
C ILE B 28 -9.98 -0.61 5.24
N GLN B 29 -10.49 -1.69 5.81
CA GLN B 29 -10.45 -1.90 7.24
C GLN B 29 -9.41 -3.03 7.51
N ARG B 30 -8.24 -2.62 7.96
CA ARG B 30 -7.14 -3.49 8.31
C ARG B 30 -7.26 -3.86 9.79
N ALA B 31 -7.36 -5.15 10.09
CA ALA B 31 -7.55 -5.61 11.47
C ALA B 31 -7.30 -7.09 11.64
N SER B 32 -6.65 -7.44 12.74
CA SER B 32 -6.77 -8.73 13.37
C SER B 32 -7.84 -8.58 14.48
N SER B 33 -7.47 -8.06 15.62
CA SER B 33 -8.42 -7.73 16.70
C SER B 33 -9.59 -6.90 16.20
N LEU B 34 -10.78 -7.32 16.58
CA LEU B 34 -11.98 -6.54 16.34
C LEU B 34 -12.67 -6.39 17.70
N VAL B 35 -12.95 -5.14 18.05
CA VAL B 35 -13.37 -4.77 19.39
C VAL B 35 -14.84 -4.93 19.65
N PHE B 36 -15.16 -5.54 20.79
CA PHE B 36 -16.55 -5.70 21.21
C PHE B 36 -16.79 -4.69 22.30
N ASP B 37 -17.90 -3.95 22.20
CA ASP B 37 -18.18 -2.93 23.21
C ASP B 37 -18.72 -3.48 24.48
N SER B 38 -19.17 -4.75 24.46
CA SER B 38 -19.81 -5.35 25.59
C SER B 38 -19.87 -6.89 25.50
N VAL B 39 -20.12 -7.55 26.61
CA VAL B 39 -20.37 -8.97 26.62
C VAL B 39 -21.51 -9.32 25.64
N GLU B 40 -22.59 -8.57 25.73
CA GLU B 40 -23.73 -8.75 24.80
C GLU B 40 -23.31 -8.62 23.32
N ALA B 41 -22.53 -7.60 23.00
CA ALA B 41 -22.04 -7.44 21.61
C ALA B 41 -21.17 -8.60 21.20
N LYS B 42 -20.27 -9.00 22.07
CA LYS B 42 -19.41 -10.18 21.79
C LYS B 42 -20.25 -11.46 21.48
N LYS B 43 -21.32 -11.69 22.25
CA LYS B 43 -22.15 -12.85 22.09
C LYS B 43 -22.85 -12.79 20.73
N HIS B 44 -23.26 -11.59 20.35
CA HIS B 44 -23.91 -11.36 19.08
C HIS B 44 -22.95 -11.55 17.86
N ALA B 45 -21.75 -11.01 17.98
CA ALA B 45 -20.71 -11.23 16.98
C ALA B 45 -20.32 -12.69 16.87
N THR B 46 -20.26 -13.38 18.01
CA THR B 46 -19.86 -14.81 18.02
C THR B 46 -20.91 -15.64 17.26
N ARG B 47 -22.18 -15.44 17.56
CA ARG B 47 -23.25 -16.09 16.80
CA ARG B 47 -23.28 -16.05 16.80
C ARG B 47 -23.15 -15.81 15.31
N ASN B 48 -22.82 -14.58 14.93
CA ASN B 48 -22.80 -14.18 13.53
C ASN B 48 -21.42 -14.11 12.87
N ARG B 49 -20.49 -14.83 13.47
CA ARG B 49 -19.11 -14.72 13.01
C ARG B 49 -18.85 -15.22 11.60
N ALA B 50 -19.77 -16.06 11.07
CA ALA B 50 -19.69 -16.52 9.69
C ALA B 50 -20.78 -15.89 8.84
N ASN B 51 -21.37 -14.82 9.35
CA ASN B 51 -22.53 -14.23 8.70
C ASN B 51 -22.34 -12.71 8.53
N GLY B 52 -21.08 -12.25 8.37
CA GLY B 52 -20.86 -10.83 8.10
C GLY B 52 -21.06 -9.84 9.24
N GLU B 53 -20.90 -10.30 10.48
CA GLU B 53 -20.67 -9.42 11.58
C GLU B 53 -19.19 -9.44 11.96
N LEU B 54 -18.63 -8.25 12.25
CA LEU B 54 -17.30 -8.20 12.75
C LEU B 54 -17.02 -8.99 14.01
N PHE B 55 -16.03 -9.88 13.89
CA PHE B 55 -15.72 -10.87 14.92
C PHE B 55 -14.25 -11.03 15.17
N TYR B 56 -13.54 -11.34 14.11
CA TYR B 56 -12.08 -11.45 14.20
C TYR B 56 -11.54 -11.38 12.78
N GLY B 57 -10.41 -10.72 12.58
CA GLY B 57 -9.89 -10.51 11.24
C GLY B 57 -9.69 -11.74 10.38
N ARG B 58 -9.49 -12.91 10.98
CA ARG B 58 -9.34 -14.17 10.19
C ARG B 58 -10.61 -14.48 9.45
N ARG B 59 -11.74 -14.14 10.08
CA ARG B 59 -13.07 -14.27 9.47
C ARG B 59 -13.41 -13.12 8.48
N GLY B 60 -12.59 -12.07 8.47
CA GLY B 60 -12.83 -10.88 7.63
C GLY B 60 -13.23 -9.58 8.32
N THR B 61 -13.07 -8.47 7.60
CA THR B 61 -13.50 -7.13 7.99
C THR B 61 -14.52 -6.68 7.01
N LEU B 62 -14.97 -5.43 7.17
CA LEU B 62 -15.97 -4.91 6.23
C LEU B 62 -15.44 -4.99 4.80
N THR B 63 -14.12 -4.88 4.58
CA THR B 63 -13.56 -4.90 3.23
C THR B 63 -13.80 -6.27 2.58
N HIS B 64 -13.59 -7.30 3.35
CA HIS B 64 -13.81 -8.69 2.83
C HIS B 64 -15.27 -8.94 2.57
N PHE B 65 -16.12 -8.43 3.53
CA PHE B 65 -17.54 -8.66 3.39
C PHE B 65 -18.08 -8.10 2.11
N SER B 66 -17.62 -6.90 1.74
CA SER B 66 -17.97 -6.26 0.52
C SER B 66 -17.61 -7.10 -0.72
N LEU B 67 -16.37 -7.56 -0.77
CA LEU B 67 -15.88 -8.40 -1.92
C LEU B 67 -16.76 -9.66 -2.00
N GLN B 68 -16.98 -10.28 -0.88
CA GLN B 68 -17.77 -11.49 -0.79
C GLN B 68 -19.15 -11.30 -1.37
N GLN B 69 -19.82 -10.24 -0.92
CA GLN B 69 -21.16 -9.83 -1.45
C GLN B 69 -21.11 -9.67 -2.97
N ALA B 70 -20.10 -8.94 -3.46
CA ALA B 70 -19.88 -8.69 -4.89
C ALA B 70 -19.73 -10.01 -5.66
N MET B 71 -18.93 -10.92 -5.17
CA MET B 71 -18.69 -12.19 -5.82
C MET B 71 -19.94 -13.06 -5.80
N CYS B 72 -20.68 -13.10 -4.67
CA CYS B 72 -21.98 -13.89 -4.66
C CYS B 72 -22.96 -13.33 -5.66
N GLU B 73 -23.07 -12.01 -5.74
CA GLU B 73 -23.94 -11.33 -6.73
C GLU B 73 -23.53 -11.65 -8.20
N LEU B 74 -22.25 -11.58 -8.48
CA LEU B 74 -21.87 -11.74 -9.87
C LEU B 74 -21.95 -13.21 -10.36
N GLU B 75 -21.58 -14.12 -9.47
CA GLU B 75 -21.64 -15.52 -9.79
C GLU B 75 -22.89 -16.26 -9.29
N GLY B 76 -23.81 -15.60 -8.60
CA GLY B 76 -25.08 -16.21 -8.26
C GLY B 76 -24.96 -17.25 -7.20
N GLY B 77 -24.14 -16.96 -6.18
CA GLY B 77 -23.83 -17.92 -5.13
C GLY B 77 -24.42 -17.55 -3.78
N ALA B 78 -24.37 -18.49 -2.86
CA ALA B 78 -24.80 -18.25 -1.49
C ALA B 78 -23.64 -17.71 -0.66
N GLY B 79 -22.41 -18.02 -1.08
CA GLY B 79 -21.28 -17.59 -0.34
C GLY B 79 -20.01 -17.59 -1.15
N CYS B 80 -18.99 -16.87 -0.68
CA CYS B 80 -17.76 -16.68 -1.45
C CYS B 80 -16.62 -16.88 -0.45
N VAL B 81 -15.83 -17.91 -0.60
CA VAL B 81 -14.76 -18.17 0.27
C VAL B 81 -13.45 -17.58 -0.34
N LEU B 82 -12.60 -16.98 0.50
CA LEU B 82 -11.46 -16.25 0.03
C LEU B 82 -10.17 -16.94 0.44
N PHE B 83 -9.14 -16.83 -0.43
CA PHE B 83 -7.89 -17.51 -0.28
C PHE B 83 -6.71 -16.63 -0.82
N PRO B 84 -5.46 -16.98 -0.39
CA PRO B 84 -4.35 -16.12 -0.81
C PRO B 84 -3.94 -16.12 -2.26
N CYS B 85 -4.42 -17.12 -3.01
CA CYS B 85 -4.16 -17.19 -4.44
C CYS B 85 -5.06 -18.26 -5.04
N GLY B 86 -5.01 -18.43 -6.36
CA GLY B 86 -5.81 -19.43 -7.11
C GLY B 86 -5.50 -20.82 -6.62
N ALA B 87 -4.23 -21.10 -6.49
CA ALA B 87 -3.78 -22.48 -6.16
C ALA B 87 -4.26 -22.90 -4.73
N ALA B 88 -4.27 -21.91 -3.83
CA ALA B 88 -4.82 -22.14 -2.54
C ALA B 88 -6.35 -22.36 -2.56
N ALA B 89 -7.08 -21.66 -3.42
CA ALA B 89 -8.49 -21.92 -3.60
C ALA B 89 -8.77 -23.32 -4.15
N VAL B 90 -8.01 -23.74 -5.16
CA VAL B 90 -8.20 -25.09 -5.71
C VAL B 90 -7.92 -26.13 -4.62
N ALA B 91 -6.72 -26.11 -4.05
CA ALA B 91 -6.28 -27.14 -3.17
C ALA B 91 -7.22 -27.22 -1.95
N ASN B 92 -7.56 -26.06 -1.40
CA ASN B 92 -8.34 -26.08 -0.18
C ASN B 92 -9.81 -26.35 -0.43
N SER B 93 -10.32 -26.05 -1.60
CA SER B 93 -11.75 -26.34 -1.88
C SER B 93 -11.85 -27.84 -2.03
N ILE B 94 -10.92 -28.48 -2.75
CA ILE B 94 -10.91 -29.97 -2.82
C ILE B 94 -10.74 -30.60 -1.44
N LEU B 95 -9.76 -30.15 -0.67
CA LEU B 95 -9.57 -30.66 0.66
C LEU B 95 -10.81 -30.57 1.55
N ALA B 96 -11.56 -29.48 1.46
CA ALA B 96 -12.68 -29.27 2.35
C ALA B 96 -13.77 -30.36 2.23
N PHE B 97 -13.88 -31.02 1.08
CA PHE B 97 -14.90 -32.05 0.81
C PHE B 97 -14.45 -33.49 0.81
N ILE B 98 -13.15 -33.76 0.96
CA ILE B 98 -12.65 -35.19 0.90
C ILE B 98 -12.34 -35.77 2.27
N GLU B 99 -12.20 -37.08 2.28
CA GLU B 99 -11.84 -37.82 3.47
C GLU B 99 -11.17 -39.10 2.90
N GLN B 100 -10.35 -39.74 3.73
CA GLN B 100 -9.68 -41.01 3.40
CA GLN B 100 -9.67 -41.01 3.37
C GLN B 100 -10.71 -41.94 2.73
N GLY B 101 -10.34 -42.53 1.60
CA GLY B 101 -11.22 -43.47 0.90
C GLY B 101 -12.01 -42.94 -0.28
N ASP B 102 -12.00 -41.60 -0.45
CA ASP B 102 -12.67 -40.93 -1.52
C ASP B 102 -11.85 -40.97 -2.81
N HIS B 103 -12.54 -40.78 -3.91
CA HIS B 103 -11.94 -40.64 -5.25
C HIS B 103 -12.31 -39.30 -5.83
N VAL B 104 -11.33 -38.67 -6.48
CA VAL B 104 -11.47 -37.42 -7.17
C VAL B 104 -11.24 -37.68 -8.64
N LEU B 105 -12.21 -37.22 -9.43
CA LEU B 105 -12.16 -37.28 -10.88
C LEU B 105 -11.96 -35.92 -11.44
N MET B 106 -10.78 -35.71 -12.09
CA MET B 106 -10.37 -34.39 -12.55
C MET B 106 -10.07 -34.34 -14.08
N THR B 107 -10.40 -33.24 -14.74
CA THR B 107 -10.10 -33.13 -16.17
C THR B 107 -8.57 -33.16 -16.35
N ASN B 108 -8.09 -33.83 -17.39
CA ASN B 108 -6.65 -33.94 -17.56
C ASN B 108 -6.03 -32.64 -18.13
N THR B 109 -6.91 -31.68 -18.46
CA THR B 109 -6.54 -30.35 -18.83
C THR B 109 -6.52 -29.39 -17.68
N ALA B 110 -6.70 -29.91 -16.46
CA ALA B 110 -6.59 -29.03 -15.25
C ALA B 110 -5.25 -28.40 -15.14
N TYR B 111 -5.27 -27.18 -14.61
CA TYR B 111 -3.98 -26.47 -14.26
C TYR B 111 -3.01 -27.44 -13.52
N GLU B 112 -1.76 -27.42 -13.91
CA GLU B 112 -0.83 -28.41 -13.46
C GLU B 112 -0.74 -28.46 -11.91
N SER B 113 -0.79 -27.30 -11.23
CA SER B 113 -0.73 -27.36 -9.78
CA SER B 113 -0.75 -27.32 -9.77
C SER B 113 -1.93 -28.04 -9.16
N SER B 114 -3.08 -27.99 -9.82
CA SER B 114 -4.30 -28.61 -9.33
C SER B 114 -4.09 -30.11 -9.44
N GLN B 115 -3.46 -30.53 -10.53
CA GLN B 115 -3.13 -31.95 -10.74
C GLN B 115 -2.14 -32.40 -9.67
N ASP B 116 -1.06 -31.65 -9.50
CA ASP B 116 0.01 -32.00 -8.55
C ASP B 116 -0.51 -32.04 -7.09
N PHE B 117 -1.42 -31.18 -6.74
CA PHE B 117 -2.07 -31.28 -5.41
C PHE B 117 -2.69 -32.68 -5.22
N CYS B 118 -3.47 -33.16 -6.20
CA CYS B 118 -4.15 -34.45 -6.11
C CYS B 118 -3.10 -35.55 -6.05
N SER B 119 -2.08 -35.48 -6.90
CA SER B 119 -1.23 -36.65 -7.04
C SER B 119 -0.16 -36.73 -5.96
N LYS B 120 0.24 -35.59 -5.38
CA LYS B 120 1.31 -35.52 -4.38
C LYS B 120 0.77 -35.32 -2.96
N ILE B 121 -0.33 -34.58 -2.79
CA ILE B 121 -0.89 -34.37 -1.42
C ILE B 121 -2.00 -35.32 -1.14
N LEU B 122 -3.06 -35.32 -1.94
CA LEU B 122 -4.16 -36.22 -1.68
C LEU B 122 -3.81 -37.72 -1.60
N SER B 123 -2.85 -38.17 -2.44
CA SER B 123 -2.46 -39.60 -2.49
C SER B 123 -1.99 -40.12 -1.14
N LYS B 124 -1.24 -39.31 -0.39
CA LYS B 124 -0.74 -39.77 0.86
C LYS B 124 -1.76 -39.68 2.03
N LEU B 125 -2.95 -39.17 1.72
CA LEU B 125 -4.07 -39.02 2.68
C LEU B 125 -5.19 -40.06 2.42
N GLY B 126 -4.92 -41.08 1.61
CA GLY B 126 -5.92 -42.11 1.32
C GLY B 126 -6.97 -41.70 0.31
N VAL B 127 -6.70 -40.67 -0.49
CA VAL B 127 -7.57 -40.22 -1.53
C VAL B 127 -6.96 -40.46 -2.90
N THR B 128 -7.68 -41.20 -3.75
CA THR B 128 -7.16 -41.48 -5.10
C THR B 128 -7.73 -40.51 -6.10
N THR B 129 -6.97 -40.29 -7.20
CA THR B 129 -7.41 -39.44 -8.28
C THR B 129 -7.27 -40.09 -9.63
N SER B 130 -8.24 -39.89 -10.49
CA SER B 130 -8.08 -40.26 -11.91
C SER B 130 -8.57 -39.12 -12.76
N TRP B 131 -8.35 -39.23 -14.07
CA TRP B 131 -8.46 -38.10 -14.99
C TRP B 131 -9.28 -38.45 -16.19
N PHE B 132 -9.87 -37.47 -16.85
CA PHE B 132 -10.66 -37.69 -18.04
C PHE B 132 -10.35 -36.66 -19.11
N ASP B 133 -10.63 -37.06 -20.37
CA ASP B 133 -10.50 -36.14 -21.47
C ASP B 133 -11.56 -35.09 -21.42
N PRO B 134 -11.16 -33.83 -21.74
CA PRO B 134 -12.09 -32.76 -21.59
C PRO B 134 -13.31 -32.84 -22.47
N LEU B 135 -13.22 -33.55 -23.59
CA LEU B 135 -14.36 -33.71 -24.55
C LEU B 135 -15.17 -35.01 -24.30
N ILE B 136 -14.94 -35.66 -23.15
CA ILE B 136 -15.63 -36.95 -22.85
C ILE B 136 -17.15 -36.75 -22.72
N GLY B 137 -17.58 -35.57 -22.34
CA GLY B 137 -19.01 -35.31 -22.17
C GLY B 137 -19.79 -36.34 -21.40
N ALA B 138 -20.89 -36.80 -22.00
CA ALA B 138 -21.79 -37.78 -21.37
C ALA B 138 -21.12 -39.06 -21.00
N ASP B 139 -20.02 -39.36 -21.68
CA ASP B 139 -19.30 -40.60 -21.42
C ASP B 139 -18.51 -40.57 -20.15
N ILE B 140 -18.50 -39.41 -19.47
CA ILE B 140 -17.90 -39.33 -18.11
C ILE B 140 -18.31 -40.46 -17.16
N VAL B 141 -19.50 -41.02 -17.39
CA VAL B 141 -20.07 -42.08 -16.58
C VAL B 141 -19.09 -43.24 -16.51
N LYS B 142 -18.30 -43.43 -17.57
CA LYS B 142 -17.28 -44.48 -17.66
C LYS B 142 -16.18 -44.42 -16.62
N HIS B 143 -15.96 -43.24 -16.05
CA HIS B 143 -14.86 -42.99 -15.12
C HIS B 143 -15.34 -42.80 -13.70
N LEU B 144 -16.66 -42.81 -13.48
CA LEU B 144 -17.19 -42.67 -12.15
C LEU B 144 -17.04 -43.98 -11.36
N GLN B 145 -16.88 -43.83 -10.05
CA GLN B 145 -16.58 -44.94 -9.18
C GLN B 145 -17.54 -44.84 -8.03
N PRO B 146 -17.72 -45.99 -7.32
CA PRO B 146 -18.63 -45.90 -6.23
C PRO B 146 -18.22 -44.89 -5.21
N ASN B 147 -16.90 -44.63 -5.07
CA ASN B 147 -16.38 -43.71 -4.05
C ASN B 147 -16.04 -42.33 -4.64
N THR B 148 -16.44 -42.04 -5.85
CA THR B 148 -16.16 -40.72 -6.39
C THR B 148 -16.87 -39.66 -5.56
N LYS B 149 -16.12 -38.62 -5.09
CA LYS B 149 -16.74 -37.50 -4.29
C LYS B 149 -16.76 -36.19 -4.98
N ILE B 150 -15.71 -35.95 -5.75
CA ILE B 150 -15.51 -34.73 -6.50
C ILE B 150 -15.31 -34.98 -7.95
N VAL B 151 -16.02 -34.20 -8.78
CA VAL B 151 -15.74 -34.13 -10.22
C VAL B 151 -15.31 -32.71 -10.49
N PHE B 152 -14.09 -32.61 -10.96
CA PHE B 152 -13.34 -31.32 -11.08
C PHE B 152 -13.11 -30.96 -12.55
N LEU B 153 -13.80 -29.88 -12.95
CA LEU B 153 -13.93 -29.38 -14.25
C LEU B 153 -13.00 -28.14 -14.38
N GLU B 154 -12.58 -27.86 -15.62
CA GLU B 154 -11.77 -26.65 -16.00
C GLU B 154 -12.01 -26.40 -17.44
N SER B 155 -12.73 -25.32 -17.69
CA SER B 155 -13.20 -25.03 -19.04
C SER B 155 -13.18 -23.53 -19.34
N PRO B 156 -12.41 -23.09 -20.34
CA PRO B 156 -11.54 -23.86 -21.21
C PRO B 156 -10.41 -24.43 -20.38
N GLY B 157 -9.81 -25.49 -20.91
CA GLY B 157 -8.62 -26.13 -20.39
C GLY B 157 -7.45 -25.20 -20.22
N SER B 158 -6.61 -25.48 -19.21
CA SER B 158 -5.27 -24.89 -19.06
C SER B 158 -4.39 -25.12 -20.32
N ILE B 159 -3.81 -24.05 -20.89
CA ILE B 159 -2.87 -24.05 -22.04
C ILE B 159 -3.47 -24.45 -23.40
N THR B 160 -4.04 -25.66 -23.48
CA THR B 160 -4.66 -26.21 -24.71
C THR B 160 -6.10 -25.80 -25.00
N MET B 161 -6.75 -25.20 -24.01
CA MET B 161 -8.00 -24.41 -24.22
C MET B 161 -9.27 -25.15 -24.59
N GLU B 162 -9.34 -26.49 -24.36
CA GLU B 162 -10.48 -27.27 -24.78
C GLU B 162 -11.67 -26.87 -23.90
N VAL B 163 -12.81 -26.70 -24.51
CA VAL B 163 -14.05 -26.36 -23.76
C VAL B 163 -14.85 -27.64 -23.48
N HIS B 164 -15.24 -27.87 -22.24
CA HIS B 164 -16.13 -28.97 -21.87
C HIS B 164 -17.57 -28.73 -22.42
N ASP B 165 -18.30 -29.83 -22.66
CA ASP B 165 -19.74 -29.85 -22.71
C ASP B 165 -20.22 -29.99 -21.29
N VAL B 166 -20.25 -28.86 -20.58
CA VAL B 166 -20.68 -28.89 -19.19
C VAL B 166 -22.08 -29.49 -18.93
N PRO B 167 -23.13 -29.07 -19.67
CA PRO B 167 -24.49 -29.65 -19.55
C PRO B 167 -24.50 -31.18 -19.61
N ALA B 168 -23.76 -31.71 -20.58
CA ALA B 168 -23.63 -33.21 -20.72
C ALA B 168 -22.93 -33.85 -19.59
N ILE B 169 -21.79 -33.26 -19.13
CA ILE B 169 -21.04 -33.83 -18.07
C ILE B 169 -21.82 -33.85 -16.77
N VAL B 170 -22.45 -32.70 -16.46
CA VAL B 170 -23.20 -32.55 -15.20
C VAL B 170 -24.42 -33.49 -15.13
N ALA B 171 -25.21 -33.55 -16.18
CA ALA B 171 -26.32 -34.50 -16.28
C ALA B 171 -25.81 -35.94 -16.08
N ALA B 172 -24.73 -36.30 -16.76
CA ALA B 172 -24.18 -37.66 -16.64
C ALA B 172 -23.77 -37.96 -15.18
N VAL B 173 -23.01 -37.07 -14.56
CA VAL B 173 -22.62 -37.26 -13.16
C VAL B 173 -23.85 -37.37 -12.27
N ARG B 174 -24.83 -36.51 -12.43
CA ARG B 174 -25.95 -36.49 -11.49
C ARG B 174 -26.78 -37.76 -11.67
N SER B 175 -26.78 -38.32 -12.88
CA SER B 175 -27.54 -39.56 -13.15
C SER B 175 -26.96 -40.74 -12.40
N VAL B 176 -25.66 -40.70 -12.10
CA VAL B 176 -24.99 -41.78 -11.39
C VAL B 176 -24.61 -41.53 -9.97
N VAL B 177 -23.95 -40.38 -9.70
CA VAL B 177 -23.54 -40.05 -8.35
C VAL B 177 -24.16 -38.64 -8.00
N PRO B 178 -25.46 -38.58 -7.77
CA PRO B 178 -26.09 -37.28 -7.57
C PRO B 178 -25.47 -36.40 -6.48
N ASP B 179 -24.91 -37.03 -5.46
CA ASP B 179 -24.31 -36.30 -4.32
C ASP B 179 -22.84 -35.96 -4.49
N ALA B 180 -22.32 -36.13 -5.68
CA ALA B 180 -20.95 -35.67 -5.90
C ALA B 180 -20.89 -34.16 -5.71
N ILE B 181 -19.68 -33.72 -5.36
CA ILE B 181 -19.37 -32.28 -5.44
C ILE B 181 -18.71 -31.95 -6.79
N ILE B 182 -19.41 -31.16 -7.57
CA ILE B 182 -18.99 -30.71 -8.88
C ILE B 182 -18.40 -29.31 -8.73
N MET B 183 -17.13 -29.20 -9.07
CA MET B 183 -16.35 -27.95 -8.99
C MET B 183 -15.82 -27.60 -10.34
N ILE B 184 -15.69 -26.29 -10.57
CA ILE B 184 -15.00 -25.88 -11.77
C ILE B 184 -14.01 -24.76 -11.46
N ASP B 185 -12.90 -24.81 -12.15
CA ASP B 185 -11.91 -23.67 -12.21
C ASP B 185 -12.32 -22.78 -13.36
N ASN B 186 -13.04 -21.69 -13.04
CA ASN B 186 -13.69 -20.85 -13.96
C ASN B 186 -12.95 -19.51 -14.15
N THR B 187 -11.61 -19.58 -14.08
CA THR B 187 -10.77 -18.39 -14.10
C THR B 187 -10.74 -17.73 -15.49
N TRP B 188 -10.71 -18.54 -16.55
CA TRP B 188 -10.60 -17.96 -17.89
C TRP B 188 -11.82 -17.05 -18.22
N ALA B 189 -12.98 -17.49 -17.78
CA ALA B 189 -14.26 -16.76 -17.94
C ALA B 189 -14.50 -15.59 -16.92
N ALA B 190 -13.60 -15.48 -15.96
CA ALA B 190 -13.65 -14.46 -14.93
C ALA B 190 -14.93 -14.65 -14.10
N GLY B 191 -15.41 -15.88 -14.06
CA GLY B 191 -16.69 -16.20 -13.32
C GLY B 191 -17.93 -15.65 -14.02
N VAL B 192 -17.77 -14.78 -14.98
CA VAL B 192 -18.87 -13.97 -15.52
C VAL B 192 -19.25 -14.34 -16.94
N LEU B 193 -18.32 -14.84 -17.74
CA LEU B 193 -18.69 -15.24 -19.10
C LEU B 193 -19.27 -16.70 -19.20
N PHE B 194 -19.25 -17.40 -18.09
CA PHE B 194 -19.75 -18.75 -17.99
C PHE B 194 -20.29 -18.83 -16.60
N LYS B 195 -21.62 -18.75 -16.50
CA LYS B 195 -22.25 -18.83 -15.22
C LYS B 195 -22.34 -20.25 -14.68
N ALA B 196 -21.21 -20.71 -14.11
CA ALA B 196 -21.06 -22.09 -13.64
C ALA B 196 -22.20 -22.58 -12.71
N LEU B 197 -22.61 -21.75 -11.76
CA LEU B 197 -23.55 -22.23 -10.77
C LEU B 197 -24.97 -22.42 -11.35
N ASP B 198 -25.30 -21.70 -12.41
CA ASP B 198 -26.54 -21.91 -13.21
C ASP B 198 -26.55 -23.22 -14.01
N PHE B 199 -25.43 -23.91 -14.13
CA PHE B 199 -25.32 -25.14 -14.88
C PHE B 199 -25.30 -26.34 -13.98
N GLY B 200 -25.58 -26.17 -12.69
CA GLY B 200 -25.64 -27.30 -11.73
C GLY B 200 -24.29 -27.67 -11.10
N ILE B 201 -23.27 -26.84 -11.32
CA ILE B 201 -21.99 -26.96 -10.66
C ILE B 201 -22.17 -26.44 -9.22
N ASP B 202 -21.49 -27.10 -8.26
CA ASP B 202 -21.61 -26.72 -6.86
C ASP B 202 -20.69 -25.53 -6.46
N VAL B 203 -19.47 -25.51 -7.03
CA VAL B 203 -18.43 -24.52 -6.60
C VAL B 203 -17.72 -24.02 -7.82
N SER B 204 -17.69 -22.68 -7.98
CA SER B 204 -16.97 -22.02 -9.06
C SER B 204 -15.73 -21.35 -8.45
N ILE B 205 -14.53 -21.77 -8.90
CA ILE B 205 -13.30 -21.33 -8.29
C ILE B 205 -12.61 -20.45 -9.27
N GLN B 206 -12.06 -19.35 -8.78
CA GLN B 206 -11.15 -18.58 -9.62
C GLN B 206 -9.84 -18.23 -8.98
N ALA B 207 -8.83 -18.13 -9.83
CA ALA B 207 -7.64 -17.37 -9.59
C ALA B 207 -7.98 -15.95 -9.90
N ALA B 208 -8.43 -15.26 -8.87
CA ALA B 208 -8.91 -13.87 -9.03
C ALA B 208 -7.71 -12.97 -9.36
N THR B 209 -6.48 -13.43 -9.05
CA THR B 209 -5.19 -13.05 -9.59
C THR B 209 -5.22 -12.55 -11.00
N LYS B 210 -6.02 -13.19 -11.82
CA LYS B 210 -6.01 -12.96 -13.23
C LYS B 210 -6.94 -11.85 -13.67
N TYR B 211 -8.08 -12.14 -14.29
CA TYR B 211 -8.93 -11.08 -14.83
C TYR B 211 -9.58 -10.24 -13.76
N LEU B 212 -9.91 -10.75 -12.58
CA LEU B 212 -10.69 -9.93 -11.65
C LEU B 212 -9.77 -8.78 -11.16
N VAL B 213 -8.56 -9.13 -10.71
CA VAL B 213 -7.60 -8.08 -10.33
C VAL B 213 -7.21 -7.29 -11.61
N GLY B 214 -6.86 -7.95 -12.71
CA GLY B 214 -6.71 -7.29 -14.03
C GLY B 214 -5.46 -6.51 -14.30
N HIS B 215 -4.54 -6.46 -13.35
CA HIS B 215 -3.34 -5.67 -13.52
C HIS B 215 -2.01 -6.38 -13.15
N SER B 216 -2.06 -7.66 -12.92
CA SER B 216 -0.88 -8.51 -12.74
C SER B 216 -0.15 -8.15 -11.39
N ASP B 217 -0.85 -7.58 -10.41
N ASP B 217 -0.83 -7.52 -10.46
CA ASP B 217 -0.20 -7.04 -9.17
CA ASP B 217 -0.15 -7.21 -9.20
C ASP B 217 -0.73 -7.44 -7.78
C ASP B 217 -0.57 -8.13 -8.06
N ALA B 218 -1.81 -8.15 -7.73
CA ALA B 218 -2.28 -8.85 -6.51
C ALA B 218 -2.58 -10.33 -6.85
N MET B 219 -2.45 -11.16 -5.83
CA MET B 219 -2.80 -12.58 -5.87
C MET B 219 -3.91 -12.88 -4.88
N ILE B 220 -4.86 -13.68 -5.32
CA ILE B 220 -6.08 -13.95 -4.54
C ILE B 220 -6.84 -15.07 -5.27
N GLY B 221 -7.42 -15.99 -4.47
CA GLY B 221 -8.36 -17.02 -4.96
C GLY B 221 -9.76 -16.86 -4.37
N THR B 222 -10.77 -17.20 -5.14
CA THR B 222 -12.15 -17.20 -4.68
C THR B 222 -12.84 -18.51 -4.99
N ALA B 223 -13.80 -18.92 -4.15
CA ALA B 223 -14.58 -20.06 -4.46
C ALA B 223 -15.99 -19.64 -4.12
N VAL B 224 -16.81 -19.44 -5.15
CA VAL B 224 -18.27 -19.12 -4.93
C VAL B 224 -19.06 -20.40 -4.92
N CYS B 225 -19.88 -20.57 -3.87
CA CYS B 225 -20.52 -21.85 -3.58
C CYS B 225 -22.02 -21.70 -3.68
N ASN B 226 -22.75 -22.74 -4.05
CA ASN B 226 -24.21 -22.79 -3.81
C ASN B 226 -24.51 -22.98 -2.36
N ALA B 227 -25.79 -22.91 -2.02
CA ALA B 227 -26.19 -23.02 -0.65
C ALA B 227 -25.89 -24.38 -0.08
N ARG B 228 -25.94 -25.42 -0.92
CA ARG B 228 -25.68 -26.78 -0.46
C ARG B 228 -24.28 -26.93 0.14
N CYS B 229 -23.25 -26.36 -0.53
CA CYS B 229 -21.88 -26.66 -0.20
C CYS B 229 -21.15 -25.54 0.55
N TRP B 230 -21.80 -24.39 0.74
CA TRP B 230 -21.10 -23.17 1.30
C TRP B 230 -20.52 -23.42 2.69
N GLU B 231 -21.34 -23.94 3.58
CA GLU B 231 -20.93 -24.12 4.97
C GLU B 231 -19.66 -24.96 5.11
N GLN B 232 -19.67 -26.12 4.47
CA GLN B 232 -18.56 -27.07 4.52
C GLN B 232 -17.27 -26.44 3.95
N LEU B 233 -17.38 -25.77 2.85
CA LEU B 233 -16.24 -25.12 2.23
C LEU B 233 -15.71 -24.05 3.15
N ARG B 234 -16.65 -23.20 3.61
CA ARG B 234 -16.25 -22.11 4.46
C ARG B 234 -15.55 -22.55 5.74
N GLU B 235 -16.17 -23.47 6.47
CA GLU B 235 -15.69 -23.86 7.79
C GLU B 235 -14.46 -24.73 7.70
N ASN B 236 -14.37 -25.57 6.65
CA ASN B 236 -13.18 -26.42 6.54
C ASN B 236 -11.99 -25.61 6.04
N ALA B 237 -12.26 -24.64 5.15
CA ALA B 237 -11.29 -23.69 4.73
C ALA B 237 -10.80 -22.85 5.88
N TYR B 238 -11.70 -22.46 6.76
CA TYR B 238 -11.26 -21.70 7.94
C TYR B 238 -10.34 -22.42 8.93
N LEU B 239 -10.56 -23.75 9.06
CA LEU B 239 -9.75 -24.57 9.93
C LEU B 239 -8.32 -24.73 9.33
N MET B 240 -8.22 -24.47 8.03
CA MET B 240 -6.88 -24.44 7.40
C MET B 240 -6.32 -23.01 7.42
N GLY B 241 -6.98 -22.05 8.10
CA GLY B 241 -6.52 -20.73 8.12
C GLY B 241 -6.63 -19.91 6.92
N GLN B 242 -7.47 -20.27 5.96
CA GLN B 242 -7.48 -19.54 4.69
C GLN B 242 -8.21 -18.20 4.78
N MET B 243 -7.57 -17.16 4.23
CA MET B 243 -8.09 -15.79 4.19
C MET B 243 -7.17 -15.07 3.16
N VAL B 244 -7.62 -13.88 2.77
CA VAL B 244 -6.83 -13.00 1.95
C VAL B 244 -6.75 -11.65 2.75
N ASP B 245 -5.73 -10.84 2.53
CA ASP B 245 -5.57 -9.58 3.16
C ASP B 245 -6.64 -8.53 2.73
N ALA B 246 -7.01 -7.62 3.65
CA ALA B 246 -8.02 -6.61 3.32
C ALA B 246 -7.69 -5.77 2.09
N ASP B 247 -6.41 -5.38 1.92
CA ASP B 247 -5.99 -4.51 0.80
C ASP B 247 -6.19 -5.22 -0.50
N THR B 248 -5.74 -6.51 -0.59
CA THR B 248 -6.07 -7.33 -1.74
C THR B 248 -7.57 -7.44 -1.99
N ALA B 249 -8.38 -7.70 -0.97
CA ALA B 249 -9.82 -7.70 -1.22
C ALA B 249 -10.30 -6.35 -1.80
N TYR B 250 -9.91 -5.26 -1.24
CA TYR B 250 -10.26 -3.95 -1.81
C TYR B 250 -9.81 -3.88 -3.34
N ILE B 251 -8.61 -4.30 -3.70
CA ILE B 251 -8.14 -4.16 -5.06
C ILE B 251 -8.91 -5.11 -5.96
N THR B 252 -9.37 -6.24 -5.42
CA THR B 252 -10.11 -7.17 -6.27
C THR B 252 -11.49 -6.59 -6.55
N SER B 253 -12.11 -6.06 -5.52
CA SER B 253 -13.41 -5.39 -5.74
C SER B 253 -13.19 -4.29 -6.81
N ARG B 254 -12.10 -3.56 -6.71
CA ARG B 254 -11.81 -2.43 -7.60
C ARG B 254 -11.70 -2.91 -9.05
N GLY B 255 -11.03 -4.07 -9.22
CA GLY B 255 -10.81 -4.63 -10.55
C GLY B 255 -12.15 -4.99 -11.19
N LEU B 256 -13.16 -5.35 -10.41
CA LEU B 256 -14.42 -5.72 -10.98
C LEU B 256 -15.00 -4.58 -11.80
N ARG B 257 -14.70 -3.34 -11.36
CA ARG B 257 -15.41 -2.16 -11.92
C ARG B 257 -15.04 -1.95 -13.38
N THR B 258 -13.86 -2.43 -13.80
CA THR B 258 -13.46 -2.34 -15.18
C THR B 258 -13.47 -3.66 -15.90
N LEU B 259 -14.02 -4.67 -15.27
CA LEU B 259 -13.95 -6.01 -15.89
C LEU B 259 -14.69 -6.07 -17.24
N GLY B 260 -15.78 -5.36 -17.37
CA GLY B 260 -16.58 -5.47 -18.64
C GLY B 260 -15.83 -4.84 -19.76
N VAL B 261 -15.35 -3.62 -19.56
CA VAL B 261 -14.71 -2.86 -20.60
C VAL B 261 -13.42 -3.62 -20.96
N ARG B 262 -12.77 -4.21 -19.96
CA ARG B 262 -11.51 -4.93 -20.28
C ARG B 262 -11.85 -6.22 -21.06
N LEU B 263 -12.78 -7.02 -20.54
CA LEU B 263 -13.06 -8.33 -21.25
C LEU B 263 -13.46 -8.10 -22.71
N ARG B 264 -14.23 -7.04 -22.97
CA ARG B 264 -14.69 -6.82 -24.33
C ARG B 264 -13.49 -6.54 -25.23
N GLN B 265 -12.50 -5.81 -24.73
CA GLN B 265 -11.31 -5.50 -25.55
C GLN B 265 -10.50 -6.79 -25.70
N HIS B 266 -10.32 -7.55 -24.61
CA HIS B 266 -9.59 -8.85 -24.69
C HIS B 266 -10.27 -9.80 -25.75
N HIS B 267 -11.59 -9.87 -25.76
CA HIS B 267 -12.33 -10.68 -26.75
C HIS B 267 -12.06 -10.16 -28.16
N GLU B 268 -12.27 -8.89 -28.37
CA GLU B 268 -12.19 -8.32 -29.71
C GLU B 268 -10.76 -8.46 -30.24
N SER B 269 -9.77 -8.10 -29.41
CA SER B 269 -8.38 -8.17 -29.86
C SER B 269 -7.93 -9.66 -30.06
N SER B 270 -8.27 -10.55 -29.10
CA SER B 270 -7.76 -11.91 -29.15
C SER B 270 -8.36 -12.64 -30.31
N LEU B 271 -9.63 -12.39 -30.61
CA LEU B 271 -10.23 -13.04 -31.77
C LEU B 271 -9.60 -12.54 -33.09
N LYS B 272 -9.34 -11.25 -33.20
CA LYS B 272 -8.66 -10.72 -34.35
C LYS B 272 -7.25 -11.36 -34.53
N VAL B 273 -6.42 -11.44 -33.48
CA VAL B 273 -5.15 -12.18 -33.56
C VAL B 273 -5.32 -13.66 -33.98
N ALA B 274 -6.31 -14.33 -33.39
CA ALA B 274 -6.53 -15.76 -33.61
C ALA B 274 -6.89 -16.00 -35.10
N GLU B 275 -7.77 -15.14 -35.62
CA GLU B 275 -8.22 -15.19 -37.05
C GLU B 275 -7.04 -14.99 -37.99
N TRP B 276 -6.13 -14.08 -37.67
CA TRP B 276 -4.93 -13.83 -38.46
C TRP B 276 -3.98 -15.02 -38.37
N LEU B 277 -3.76 -15.52 -37.16
CA LEU B 277 -2.92 -16.69 -36.99
C LEU B 277 -3.43 -17.91 -37.76
N ALA B 278 -4.75 -18.13 -37.77
CA ALA B 278 -5.28 -19.32 -38.43
C ALA B 278 -4.93 -19.29 -39.91
N GLU B 279 -4.91 -18.09 -40.49
CA GLU B 279 -4.58 -17.91 -41.95
C GLU B 279 -3.07 -17.88 -42.24
N HIS B 280 -2.26 -17.85 -41.18
CA HIS B 280 -0.87 -17.70 -41.33
C HIS B 280 -0.16 -19.02 -41.75
N PRO B 281 0.77 -18.97 -42.76
CA PRO B 281 1.43 -20.17 -43.26
C PRO B 281 2.29 -20.98 -42.30
N GLN B 282 2.81 -20.33 -41.27
CA GLN B 282 3.64 -20.97 -40.26
C GLN B 282 2.86 -21.57 -39.04
N VAL B 283 1.54 -21.42 -39.04
CA VAL B 283 0.65 -21.96 -37.98
C VAL B 283 -0.09 -23.22 -38.41
N ALA B 284 0.02 -24.27 -37.58
CA ALA B 284 -0.74 -25.51 -37.75
C ALA B 284 -2.18 -25.43 -37.33
N ARG B 285 -2.45 -24.84 -36.16
CA ARG B 285 -3.80 -24.87 -35.59
C ARG B 285 -3.87 -23.74 -34.58
N VAL B 286 -5.07 -23.19 -34.41
CA VAL B 286 -5.34 -22.20 -33.37
C VAL B 286 -6.36 -22.81 -32.41
N ASN B 287 -6.02 -22.74 -31.10
CA ASN B 287 -6.86 -23.17 -30.00
C ASN B 287 -7.46 -21.92 -29.35
N HIS B 288 -8.53 -21.39 -29.88
CA HIS B 288 -9.27 -20.26 -29.22
C HIS B 288 -10.71 -20.64 -29.11
N PRO B 289 -11.30 -20.71 -27.89
CA PRO B 289 -12.69 -21.09 -27.73
C PRO B 289 -13.66 -20.40 -28.72
N ALA B 290 -13.40 -19.10 -29.03
CA ALA B 290 -14.29 -18.28 -29.90
C ALA B 290 -14.09 -18.49 -31.37
N LEU B 291 -13.06 -19.26 -31.73
CA LEU B 291 -12.68 -19.43 -33.14
C LEU B 291 -13.26 -20.74 -33.61
N PRO B 292 -14.10 -20.64 -34.66
CA PRO B 292 -14.57 -21.92 -35.12
C PRO B 292 -13.41 -22.87 -35.46
N GLY B 293 -13.70 -24.13 -35.27
CA GLY B 293 -12.77 -25.22 -35.48
C GLY B 293 -11.93 -25.67 -34.29
N SER B 294 -11.96 -24.88 -33.21
CA SER B 294 -11.29 -25.25 -31.97
CA SER B 294 -11.30 -25.22 -31.96
C SER B 294 -12.13 -26.25 -31.16
N LYS B 295 -11.44 -27.08 -30.35
CA LYS B 295 -12.14 -28.09 -29.52
C LYS B 295 -13.18 -27.48 -28.57
N GLY B 296 -14.40 -27.93 -28.70
CA GLY B 296 -15.53 -27.43 -27.89
C GLY B 296 -16.03 -26.05 -28.22
N HIS B 297 -15.68 -25.46 -29.39
CA HIS B 297 -16.20 -24.18 -29.83
C HIS B 297 -17.70 -24.04 -29.80
N GLU B 298 -18.41 -25.10 -30.19
CA GLU B 298 -19.84 -25.03 -30.29
C GLU B 298 -20.46 -25.03 -28.89
N PHE B 299 -19.77 -25.65 -27.91
CA PHE B 299 -20.18 -25.54 -26.47
C PHE B 299 -19.92 -24.10 -25.97
N TRP B 300 -18.74 -23.55 -26.32
CA TRP B 300 -18.52 -22.13 -25.98
C TRP B 300 -19.62 -21.18 -26.54
N LYS B 301 -20.02 -21.35 -27.82
CA LYS B 301 -20.95 -20.48 -28.52
C LYS B 301 -22.27 -20.58 -27.77
N ARG B 302 -22.55 -21.80 -27.33
CA ARG B 302 -23.84 -22.09 -26.69
C ARG B 302 -23.92 -21.65 -25.23
N ASP B 303 -22.82 -21.86 -24.50
CA ASP B 303 -22.83 -21.78 -23.07
C ASP B 303 -22.25 -20.47 -22.46
N PHE B 304 -21.37 -19.82 -23.17
CA PHE B 304 -20.69 -18.62 -22.72
C PHE B 304 -21.31 -17.38 -23.31
N THR B 305 -21.10 -16.27 -22.64
CA THR B 305 -21.61 -14.95 -23.08
C THR B 305 -20.51 -14.04 -23.59
N GLY B 306 -19.31 -14.59 -23.72
CA GLY B 306 -18.21 -13.82 -24.23
C GLY B 306 -16.95 -14.64 -24.15
N SER B 307 -15.83 -14.03 -24.56
CA SER B 307 -14.48 -14.59 -24.44
C SER B 307 -13.56 -13.65 -23.65
N SER B 308 -12.54 -14.20 -22.99
CA SER B 308 -11.42 -13.38 -22.52
C SER B 308 -10.29 -13.32 -23.59
N GLY B 309 -9.05 -13.11 -23.17
CA GLY B 309 -7.94 -12.86 -24.11
C GLY B 309 -6.84 -13.88 -24.18
N LEU B 310 -7.02 -14.99 -23.47
CA LEU B 310 -6.05 -16.11 -23.39
C LEU B 310 -6.39 -17.22 -24.37
N PHE B 311 -5.38 -17.58 -25.21
CA PHE B 311 -5.53 -18.74 -26.09
C PHE B 311 -4.19 -19.26 -26.54
N SER B 312 -4.18 -20.35 -27.35
CA SER B 312 -2.84 -20.90 -27.77
C SER B 312 -2.90 -21.25 -29.26
N PHE B 313 -1.72 -21.49 -29.84
CA PHE B 313 -1.67 -21.87 -31.22
C PHE B 313 -0.46 -22.80 -31.36
N VAL B 314 -0.54 -23.64 -32.36
CA VAL B 314 0.45 -24.65 -32.59
C VAL B 314 1.16 -24.22 -33.88
N LEU B 315 2.44 -24.20 -33.79
CA LEU B 315 3.31 -23.82 -34.91
C LEU B 315 3.43 -25.07 -35.77
N LYS B 316 3.64 -24.86 -37.07
CA LYS B 316 3.95 -25.98 -37.95
C LYS B 316 5.28 -26.66 -37.55
N LYS B 317 6.23 -25.89 -37.07
CA LYS B 317 7.53 -26.42 -36.65
C LYS B 317 7.52 -26.86 -35.20
N LYS B 318 8.18 -27.99 -34.89
CA LYS B 318 8.67 -28.23 -33.54
C LYS B 318 9.97 -27.50 -33.42
N LEU B 319 9.99 -26.34 -32.75
CA LEU B 319 11.21 -25.53 -32.63
C LEU B 319 12.30 -26.23 -31.82
N ASN B 320 13.52 -26.20 -32.36
CA ASN B 320 14.68 -26.54 -31.55
C ASN B 320 15.06 -25.39 -30.62
N ASN B 321 16.08 -25.62 -29.81
CA ASN B 321 16.37 -24.74 -28.70
C ASN B 321 16.83 -23.38 -29.15
N GLU B 322 17.60 -23.36 -30.22
CA GLU B 322 18.07 -22.10 -30.72
C GLU B 322 16.91 -21.34 -31.40
N GLU B 323 16.01 -22.03 -32.11
CA GLU B 323 14.93 -21.33 -32.76
C GLU B 323 13.99 -20.82 -31.68
N LEU B 324 13.86 -21.56 -30.58
CA LEU B 324 12.89 -21.15 -29.52
C LEU B 324 13.38 -19.85 -28.93
N ALA B 325 14.68 -19.76 -28.65
CA ALA B 325 15.24 -18.54 -28.08
C ALA B 325 15.18 -17.35 -29.01
N ASN B 326 15.46 -17.58 -30.28
CA ASN B 326 15.43 -16.55 -31.27
C ASN B 326 14.01 -16.02 -31.46
N TYR B 327 13.01 -16.90 -31.32
CA TYR B 327 11.60 -16.50 -31.35
C TYR B 327 11.30 -15.70 -30.11
N LEU B 328 11.42 -16.34 -28.94
CA LEU B 328 10.92 -15.73 -27.68
C LEU B 328 11.73 -14.54 -27.16
N ASP B 329 13.06 -14.59 -27.36
CA ASP B 329 13.92 -13.54 -26.82
C ASP B 329 13.74 -12.18 -27.41
N ASN B 330 13.17 -12.07 -28.62
CA ASN B 330 13.26 -10.85 -29.40
C ASN B 330 11.94 -10.19 -29.66
N PHE B 331 10.94 -10.51 -28.84
CA PHE B 331 9.65 -9.80 -28.93
C PHE B 331 9.80 -8.39 -28.35
N SER B 332 9.10 -7.41 -28.92
CA SER B 332 9.09 -6.05 -28.36
C SER B 332 7.87 -5.74 -27.49
N LEU B 333 6.71 -6.37 -27.73
CA LEU B 333 5.50 -6.02 -27.03
C LEU B 333 4.98 -7.14 -26.12
N PHE B 334 5.11 -8.39 -26.51
CA PHE B 334 4.79 -9.53 -25.63
C PHE B 334 5.96 -9.77 -24.68
N SER B 335 5.65 -9.99 -23.43
CA SER B 335 6.66 -10.33 -22.45
C SER B 335 6.50 -11.82 -22.06
N MET B 336 7.63 -12.47 -21.80
CA MET B 336 7.68 -13.80 -21.20
CA MET B 336 7.64 -13.80 -21.21
C MET B 336 7.39 -13.78 -19.69
N ALA B 337 6.37 -14.50 -19.24
CA ALA B 337 5.98 -14.57 -17.82
C ALA B 337 4.89 -15.60 -17.63
N TYR B 338 4.76 -16.10 -16.41
CA TYR B 338 3.56 -16.87 -16.06
C TYR B 338 2.45 -15.92 -15.70
N SER B 339 1.27 -16.52 -15.57
CA SER B 339 0.01 -15.81 -15.39
C SER B 339 -0.40 -14.98 -16.57
N TRP B 340 -1.50 -14.29 -16.39
CA TRP B 340 -2.25 -13.73 -17.49
C TRP B 340 -3.43 -12.95 -16.88
N GLY B 341 -4.24 -12.32 -17.69
CA GLY B 341 -5.43 -11.66 -17.17
C GLY B 341 -5.27 -10.16 -16.97
N GLY B 342 -4.08 -9.62 -17.32
CA GLY B 342 -3.70 -8.28 -17.08
C GLY B 342 -3.81 -7.43 -18.35
N TYR B 343 -3.33 -6.21 -18.26
CA TYR B 343 -3.33 -5.28 -19.37
C TYR B 343 -2.20 -5.55 -20.39
N GLU B 344 -1.15 -6.24 -20.00
CA GLU B 344 0.08 -6.45 -20.80
C GLU B 344 -0.05 -7.81 -21.48
N SER B 345 0.24 -7.90 -22.76
CA SER B 345 0.32 -9.15 -23.50
C SER B 345 1.48 -10.01 -23.07
N LEU B 346 1.20 -11.30 -22.95
CA LEU B 346 2.23 -12.30 -22.48
C LEU B 346 2.28 -13.47 -23.45
N ILE B 347 3.44 -14.10 -23.46
CA ILE B 347 3.71 -15.26 -24.28
C ILE B 347 4.48 -16.31 -23.49
N LEU B 348 4.11 -17.58 -23.67
CA LEU B 348 4.80 -18.65 -23.10
C LEU B 348 4.79 -19.80 -24.12
N ALA B 349 5.85 -20.62 -24.12
CA ALA B 349 5.97 -21.79 -25.02
C ALA B 349 5.97 -23.09 -24.23
N ASN B 350 5.36 -24.12 -24.85
CA ASN B 350 5.51 -25.44 -24.39
C ASN B 350 5.76 -26.38 -25.58
N GLN B 351 6.69 -27.30 -25.41
CA GLN B 351 6.88 -28.40 -26.37
C GLN B 351 5.82 -29.48 -26.15
N PRO B 352 5.50 -30.22 -27.24
CA PRO B 352 4.47 -31.24 -27.17
C PRO B 352 4.87 -32.18 -26.05
N GLU B 353 6.15 -32.59 -25.94
CA GLU B 353 6.51 -33.51 -24.83
C GLU B 353 6.28 -32.96 -23.38
N HIS B 354 6.41 -31.65 -23.18
CA HIS B 354 6.00 -31.03 -21.89
C HIS B 354 4.50 -31.13 -21.62
N ILE B 355 3.68 -30.93 -22.65
CA ILE B 355 2.25 -31.03 -22.48
C ILE B 355 1.83 -32.50 -22.32
N ALA B 356 2.44 -33.40 -23.10
CA ALA B 356 2.11 -34.83 -22.90
C ALA B 356 2.25 -35.24 -21.41
N ALA B 357 3.30 -34.73 -20.75
CA ALA B 357 3.65 -35.05 -19.38
C ALA B 357 2.61 -34.58 -18.34
N ILE B 358 1.77 -33.60 -18.73
CA ILE B 358 0.72 -33.07 -17.84
C ILE B 358 -0.66 -33.33 -18.39
N ARG B 359 -0.80 -34.38 -19.19
CA ARG B 359 -2.03 -34.89 -19.72
C ARG B 359 -2.20 -36.37 -19.32
N PRO B 360 -2.49 -36.60 -18.02
CA PRO B 360 -2.68 -37.95 -17.52
C PRO B 360 -3.89 -38.69 -18.14
N GLN B 361 -3.73 -39.99 -18.40
CA GLN B 361 -4.80 -40.85 -18.93
C GLN B 361 -5.47 -40.26 -20.16
N GLY B 362 -4.64 -39.72 -21.04
CA GLY B 362 -5.07 -39.16 -22.34
C GLY B 362 -3.85 -38.91 -23.21
N GLU B 363 -4.11 -38.57 -24.45
CA GLU B 363 -3.03 -38.27 -25.39
C GLU B 363 -3.18 -36.87 -25.95
N ILE B 364 -2.06 -36.29 -26.36
CA ILE B 364 -2.12 -34.98 -26.99
C ILE B 364 -2.47 -35.14 -28.47
N ASP B 365 -2.86 -34.04 -29.11
CA ASP B 365 -3.35 -33.98 -30.50
C ASP B 365 -2.59 -33.05 -31.40
N PHE B 366 -1.31 -32.82 -31.09
CA PHE B 366 -0.46 -31.91 -31.85
C PHE B 366 0.99 -32.28 -31.73
N SER B 367 1.82 -31.86 -32.68
CA SER B 367 3.27 -32.13 -32.69
C SER B 367 4.21 -30.95 -32.88
N GLY B 368 3.68 -29.79 -33.24
CA GLY B 368 4.52 -28.56 -33.27
C GLY B 368 4.61 -27.90 -31.89
N THR B 369 5.49 -26.90 -31.78
CA THR B 369 5.62 -26.16 -30.49
C THR B 369 4.34 -25.44 -30.19
N LEU B 370 3.93 -25.48 -28.93
CA LEU B 370 2.67 -24.83 -28.61
C LEU B 370 3.00 -23.44 -27.95
N ILE B 371 2.38 -22.41 -28.48
CA ILE B 371 2.52 -21.04 -28.01
C ILE B 371 1.21 -20.52 -27.39
N ARG B 372 1.27 -20.12 -26.11
CA ARG B 372 0.14 -19.55 -25.44
C ARG B 372 0.31 -18.07 -25.41
N LEU B 373 -0.73 -17.37 -25.81
CA LEU B 373 -0.79 -15.90 -25.76
C LEU B 373 -1.81 -15.38 -24.79
N HIS B 374 -1.46 -14.34 -24.04
CA HIS B 374 -2.39 -13.50 -23.38
C HIS B 374 -2.40 -12.18 -24.15
N ILE B 375 -3.52 -11.90 -24.77
CA ILE B 375 -3.70 -10.63 -25.47
C ILE B 375 -4.23 -9.55 -24.50
N GLY B 376 -3.40 -8.55 -24.25
CA GLY B 376 -3.73 -7.44 -23.38
C GLY B 376 -4.44 -6.31 -24.05
N LEU B 377 -4.17 -5.11 -23.56
CA LEU B 377 -4.83 -3.90 -24.00
C LEU B 377 -4.16 -3.05 -25.04
N GLU B 378 -3.00 -3.51 -25.48
CA GLU B 378 -2.25 -2.85 -26.55
C GLU B 378 -3.04 -2.81 -27.87
N ASP B 379 -2.62 -1.91 -28.77
CA ASP B 379 -3.23 -1.84 -30.11
C ASP B 379 -3.02 -3.18 -30.79
N VAL B 380 -4.13 -3.76 -31.27
CA VAL B 380 -4.11 -5.14 -31.83
C VAL B 380 -3.21 -5.24 -33.07
N ASP B 381 -3.14 -4.17 -33.88
CA ASP B 381 -2.23 -4.19 -35.03
C ASP B 381 -0.74 -4.15 -34.65
N ASP B 382 -0.38 -3.46 -33.57
CA ASP B 382 0.99 -3.53 -33.08
C ASP B 382 1.31 -4.95 -32.62
N LEU B 383 0.37 -5.58 -31.92
CA LEU B 383 0.55 -6.95 -31.44
C LEU B 383 0.76 -7.97 -32.59
N ILE B 384 -0.07 -7.85 -33.61
CA ILE B 384 0.04 -8.67 -34.83
C ILE B 384 1.39 -8.37 -35.50
N ALA B 385 1.78 -7.09 -35.60
CA ALA B 385 3.16 -6.80 -36.10
C ALA B 385 4.31 -7.45 -35.33
N ASP B 386 4.20 -7.52 -33.98
CA ASP B 386 5.20 -8.15 -33.16
C ASP B 386 5.20 -9.67 -33.43
N LEU B 387 4.01 -10.29 -33.54
CA LEU B 387 3.88 -11.72 -33.85
C LEU B 387 4.46 -12.04 -35.27
N ASP B 388 4.21 -11.15 -36.23
CA ASP B 388 4.77 -11.32 -37.61
C ASP B 388 6.28 -11.24 -37.62
N ALA B 389 6.86 -10.33 -36.86
CA ALA B 389 8.35 -10.28 -36.79
C ALA B 389 8.85 -11.56 -36.18
N GLY B 390 8.15 -12.07 -35.14
CA GLY B 390 8.40 -13.39 -34.58
C GLY B 390 8.45 -14.48 -35.62
N PHE B 391 7.40 -14.58 -36.45
CA PHE B 391 7.42 -15.61 -37.53
C PHE B 391 8.66 -15.46 -38.46
N ALA B 392 9.05 -14.23 -38.80
CA ALA B 392 10.24 -14.05 -39.69
C ALA B 392 11.51 -14.60 -39.10
N ARG B 393 11.61 -14.58 -37.76
CA ARG B 393 12.71 -15.15 -37.06
C ARG B 393 12.81 -16.70 -37.03
N ILE B 394 11.75 -17.43 -37.36
CA ILE B 394 11.82 -18.91 -37.32
C ILE B 394 11.35 -19.53 -38.66
N VAL B 395 11.39 -18.75 -39.73
CA VAL B 395 11.07 -19.28 -41.05
C VAL B 395 12.22 -20.23 -41.44
#